data_5N6Q
#
_entry.id   5N6Q
#
_cell.length_a   57.391
_cell.length_b   84.041
_cell.length_c   155.970
_cell.angle_alpha   90.00
_cell.angle_beta   90.00
_cell.angle_gamma   90.00
#
_symmetry.space_group_name_H-M   'P 2 21 21'
#
loop_
_entity.id
_entity.type
_entity.pdbx_description
1 polymer 'NADH:flavin oxidoreductase'
2 non-polymer '2-Phenylacrylic acid'
3 non-polymer 'CHLORIDE ION'
4 non-polymer GLYCEROL
5 non-polymer 'FLAVIN MONONUCLEOTIDE'
6 water water
#
_entity_poly.entity_id   1
_entity_poly.type   'polypeptide(L)'
_entity_poly.pdbx_seq_one_letter_code
;MSALFEPYTLKDVTLRNRIAIPPMCQYMAEDGLINDWHQVHYASMARGGAGLLVVEATAVAPEGRITPGCAGIWSDAHAQ
AFVPVVQAIKAAGSVPGIQIAHAGRKASANRPWEGDDHIGADDARGWETIAPSAIAFGAHLPNVPRAMTLDDIARVKQDF
VDAARRARDAGFEWIELHFAHGYLGQSFFSEHSNKRTDAYGGSFDNRSRFLLETLAAVREVWPENLPLTARFGVLEYDGR
DEQTLEESIELARRFKAGGLDLLSVSVGFTIPETNIPWGPAFMGPIAERVRREAKLPVTSAWGFGTPQLAEAALQANQLD
LVSVGRAHLADPHWAYFAAKELGVEKASWTLPAPYAHWLERYRLEHHHHHH
;
_entity_poly.pdbx_strand_id   A,B
#
# COMPACT_ATOMS: atom_id res chain seq x y z
N SER A 2 2.92 18.71 17.23
CA SER A 2 3.50 18.98 15.91
C SER A 2 2.48 19.58 14.93
N ALA A 3 2.75 20.77 14.37
CA ALA A 3 1.78 21.40 13.47
C ALA A 3 1.45 20.52 12.26
N LEU A 4 2.37 19.64 11.86
CA LEU A 4 2.07 18.74 10.74
C LEU A 4 0.88 17.83 11.04
N PHE A 5 0.62 17.56 12.32
CA PHE A 5 -0.45 16.64 12.69
C PHE A 5 -1.61 17.36 13.39
N GLU A 6 -1.78 18.58 13.11
CA GLU A 6 -2.89 19.46 13.45
C GLU A 6 -3.97 19.39 12.37
N PRO A 7 -5.24 19.20 12.71
CA PRO A 7 -6.29 19.16 11.67
C PRO A 7 -6.45 20.51 10.98
N TYR A 8 -7.15 20.47 9.86
CA TYR A 8 -7.35 21.64 9.03
C TYR A 8 -8.76 21.65 8.47
N THR A 9 -9.45 22.78 8.61
CA THR A 9 -10.81 22.94 8.14
C THR A 9 -10.87 23.95 7.01
N LEU A 10 -11.62 23.62 5.97
CA LEU A 10 -11.75 24.47 4.79
C LEU A 10 -13.13 24.22 4.23
N LYS A 11 -13.99 25.25 4.22
CA LYS A 11 -15.41 25.05 3.89
C LYS A 11 -15.94 23.96 4.84
N ASP A 12 -16.61 22.93 4.34
CA ASP A 12 -17.17 21.87 5.20
C ASP A 12 -16.28 20.65 5.33
N VAL A 13 -15.05 20.70 4.83
CA VAL A 13 -14.13 19.58 4.83
C VAL A 13 -13.09 19.78 5.94
N THR A 14 -12.89 18.76 6.75
CA THR A 14 -11.86 18.79 7.80
C THR A 14 -10.84 17.71 7.50
N LEU A 15 -9.57 18.11 7.40
CA LEU A 15 -8.48 17.16 7.24
C LEU A 15 -7.91 16.82 8.61
N ARG A 16 -7.60 15.52 8.82
CA ARG A 16 -7.09 15.09 10.12
C ARG A 16 -5.64 15.53 10.36
N ASN A 17 -4.91 15.99 9.34
CA ASN A 17 -3.57 16.54 9.54
C ASN A 17 -3.23 17.40 8.32
N ARG A 18 -2.01 17.96 8.33
CA ARG A 18 -1.60 18.89 7.27
C ARG A 18 -0.84 18.21 6.13
N ILE A 19 -0.82 16.88 6.10
CA ILE A 19 -0.11 16.13 5.06
C ILE A 19 -1.05 15.95 3.88
N ALA A 20 -0.66 16.49 2.74
CA ALA A 20 -1.39 16.28 1.50
C ALA A 20 -0.51 15.48 0.56
N ILE A 21 -1.13 14.52 -0.13
CA ILE A 21 -0.50 13.79 -1.21
C ILE A 21 -0.84 14.52 -2.52
N PRO A 22 0.14 15.10 -3.21
CA PRO A 22 -0.16 15.87 -4.41
C PRO A 22 -0.52 14.95 -5.56
N PRO A 23 -1.09 15.47 -6.64
CA PRO A 23 -1.47 14.60 -7.77
C PRO A 23 -0.23 14.03 -8.43
N MET A 24 -0.24 12.71 -8.70
CA MET A 24 0.91 12.09 -9.34
C MET A 24 0.40 11.10 -10.37
N CYS A 25 0.58 11.45 -11.65
N CYS A 25 0.54 11.45 -11.66
CA CYS A 25 0.19 10.56 -12.73
CA CYS A 25 0.07 10.54 -12.71
C CYS A 25 0.83 9.19 -12.56
C CYS A 25 0.81 9.23 -12.63
N GLN A 26 0.07 8.16 -12.92
CA GLN A 26 0.54 6.80 -12.80
C GLN A 26 0.85 6.14 -14.13
N TYR A 27 0.39 6.72 -15.24
CA TYR A 27 0.65 6.20 -16.58
C TYR A 27 0.11 4.77 -16.75
N MET A 28 -0.89 4.43 -15.94
CA MET A 28 -1.41 3.07 -15.93
C MET A 28 -2.87 2.98 -16.38
N ALA A 29 -3.46 4.08 -16.85
CA ALA A 29 -4.83 4.02 -17.36
C ALA A 29 -4.86 3.63 -18.85
N GLU A 30 -6.00 3.16 -19.29
CA GLU A 30 -6.21 2.77 -20.68
C GLU A 30 -7.34 3.61 -21.27
N ASP A 31 -7.02 4.35 -22.33
CA ASP A 31 -7.99 5.30 -22.88
C ASP A 31 -8.66 6.07 -21.76
N GLY A 32 -7.85 6.52 -20.77
CA GLY A 32 -8.34 7.34 -19.67
C GLY A 32 -9.03 6.60 -18.55
N LEU A 33 -9.30 5.32 -18.69
CA LEU A 33 -10.02 4.55 -17.69
C LEU A 33 -9.05 4.02 -16.63
N ILE A 34 -9.31 4.33 -15.35
CA ILE A 34 -8.48 3.80 -14.29
C ILE A 34 -8.91 2.36 -14.01
N ASN A 35 -8.15 1.65 -13.17
CA ASN A 35 -8.31 0.21 -13.01
C ASN A 35 -7.72 -0.23 -11.68
N ASP A 36 -7.41 -1.54 -11.56
CA ASP A 36 -6.96 -2.06 -10.27
C ASP A 36 -5.62 -1.48 -9.85
N TRP A 37 -4.80 -1.00 -10.78
CA TRP A 37 -3.56 -0.35 -10.35
C TRP A 37 -3.88 0.83 -9.43
N HIS A 38 -4.76 1.72 -9.90
CA HIS A 38 -5.09 2.95 -9.16
C HIS A 38 -5.82 2.65 -7.85
N GLN A 39 -6.72 1.68 -7.87
CA GLN A 39 -7.50 1.38 -6.69
C GLN A 39 -6.62 1.06 -5.49
N VAL A 40 -5.66 0.16 -5.66
CA VAL A 40 -4.75 -0.20 -4.57
C VAL A 40 -3.75 0.91 -4.32
N HIS A 41 -3.26 1.53 -5.39
CA HIS A 41 -2.31 2.62 -5.22
C HIS A 41 -2.89 3.69 -4.28
N TYR A 42 -4.12 4.16 -4.57
CA TYR A 42 -4.71 5.23 -3.77
C TYR A 42 -5.19 4.74 -2.40
N ALA A 43 -5.84 3.57 -2.32
CA ALA A 43 -6.31 3.11 -1.00
C ALA A 43 -5.14 2.92 -0.05
N SER A 44 -4.01 2.44 -0.56
CA SER A 44 -2.87 2.18 0.31
C SER A 44 -2.28 3.48 0.86
N MET A 45 -2.05 4.48 -0.01
CA MET A 45 -1.50 5.73 0.51
C MET A 45 -2.46 6.38 1.50
N ALA A 46 -3.76 6.28 1.24
CA ALA A 46 -4.76 6.85 2.15
C ALA A 46 -4.72 6.18 3.51
N ARG A 47 -4.55 4.86 3.54
CA ARG A 47 -4.39 4.16 4.82
C ARG A 47 -3.09 4.54 5.52
N GLY A 48 -2.11 5.05 4.77
CA GLY A 48 -0.86 5.47 5.40
C GLY A 48 -1.01 6.62 6.37
N GLY A 49 -2.12 7.35 6.32
CA GLY A 49 -2.42 8.40 7.28
C GLY A 49 -2.56 9.79 6.72
N ALA A 50 -2.15 10.05 5.47
CA ALA A 50 -2.25 11.40 4.94
C ALA A 50 -3.68 11.92 5.06
N GLY A 51 -3.83 13.22 5.37
CA GLY A 51 -5.15 13.80 5.54
C GLY A 51 -5.90 14.11 4.26
N LEU A 52 -5.18 14.40 3.18
CA LEU A 52 -5.78 14.75 1.90
C LEU A 52 -5.03 14.02 0.81
N LEU A 53 -5.77 13.46 -0.13
CA LEU A 53 -5.16 12.71 -1.22
C LEU A 53 -5.75 13.25 -2.50
N VAL A 54 -4.95 13.96 -3.28
CA VAL A 54 -5.40 14.51 -4.56
C VAL A 54 -5.03 13.51 -5.65
N VAL A 55 -6.06 12.98 -6.30
CA VAL A 55 -5.85 12.06 -7.40
C VAL A 55 -5.14 12.76 -8.54
N GLU A 56 -4.29 12.01 -9.24
CA GLU A 56 -3.51 12.48 -10.37
C GLU A 56 -4.26 13.28 -11.43
N ALA A 57 -3.50 14.01 -12.25
CA ALA A 57 -4.04 14.81 -13.33
C ALA A 57 -4.98 13.99 -14.22
N THR A 58 -6.25 14.40 -14.26
CA THR A 58 -7.33 13.71 -14.96
C THR A 58 -7.85 14.56 -16.10
N ALA A 59 -7.70 14.06 -17.33
CA ALA A 59 -8.02 14.83 -18.52
C ALA A 59 -9.52 15.09 -18.67
N VAL A 60 -9.86 16.34 -18.99
CA VAL A 60 -11.24 16.72 -19.21
C VAL A 60 -11.71 16.39 -20.61
N ALA A 61 -10.78 15.99 -21.48
CA ALA A 61 -11.04 15.67 -22.87
C ALA A 61 -9.90 14.79 -23.37
N PRO A 62 -10.15 13.90 -24.34
CA PRO A 62 -9.09 12.96 -24.76
C PRO A 62 -7.83 13.65 -25.23
N GLU A 63 -7.95 14.76 -25.96
CA GLU A 63 -6.74 15.44 -26.41
C GLU A 63 -6.05 16.21 -25.30
N GLY A 64 -6.64 16.28 -24.10
CA GLY A 64 -6.11 16.89 -22.90
C GLY A 64 -5.27 16.00 -22.04
N ARG A 65 -5.13 14.72 -22.40
CA ARG A 65 -4.23 13.83 -21.69
C ARG A 65 -2.78 14.25 -21.92
N ILE A 66 -1.95 14.12 -20.89
CA ILE A 66 -0.51 14.29 -21.10
C ILE A 66 0.05 13.14 -21.92
N THR A 67 -0.29 11.90 -21.55
CA THR A 67 0.15 10.68 -22.22
C THR A 67 -1.03 9.76 -22.40
N PRO A 68 -0.85 8.68 -23.18
CA PRO A 68 -1.93 7.68 -23.35
C PRO A 68 -2.22 6.87 -22.09
N GLY A 69 -1.37 6.95 -21.07
CA GLY A 69 -1.61 6.27 -19.82
C GLY A 69 -2.27 7.13 -18.78
N CYS A 70 -2.70 8.32 -19.16
CA CYS A 70 -3.25 9.26 -18.21
C CYS A 70 -4.74 8.99 -17.96
N ALA A 71 -5.16 9.26 -16.73
CA ALA A 71 -6.57 9.15 -16.38
C ALA A 71 -7.40 10.21 -17.12
N GLY A 72 -8.65 9.89 -17.36
CA GLY A 72 -9.55 10.82 -17.99
C GLY A 72 -10.89 10.84 -17.26
N ILE A 73 -11.63 11.93 -17.42
CA ILE A 73 -12.96 11.94 -16.82
C ILE A 73 -13.95 12.60 -17.78
N TRP A 74 -13.76 12.35 -19.06
CA TRP A 74 -14.53 13.02 -20.10
C TRP A 74 -15.82 12.26 -20.46
N SER A 75 -16.18 11.22 -19.71
CA SER A 75 -17.46 10.57 -19.89
C SER A 75 -17.92 10.07 -18.53
N ASP A 76 -19.20 9.67 -18.47
CA ASP A 76 -19.74 9.12 -17.23
C ASP A 76 -19.12 7.75 -16.89
N ALA A 77 -18.74 6.96 -17.89
CA ALA A 77 -18.05 5.70 -17.59
C ALA A 77 -16.72 5.96 -16.92
N HIS A 78 -15.98 6.98 -17.41
CA HIS A 78 -14.73 7.37 -16.76
C HIS A 78 -14.97 7.81 -15.33
N ALA A 79 -16.06 8.56 -15.08
CA ALA A 79 -16.35 9.01 -13.72
C ALA A 79 -16.71 7.85 -12.81
N GLN A 80 -17.54 6.91 -13.28
CA GLN A 80 -17.93 5.81 -12.41
C GLN A 80 -16.71 5.00 -11.96
N ALA A 81 -15.69 4.90 -12.81
CA ALA A 81 -14.49 4.16 -12.44
C ALA A 81 -13.79 4.77 -11.23
N PHE A 82 -13.99 6.07 -10.99
CA PHE A 82 -13.39 6.73 -9.83
C PHE A 82 -14.15 6.45 -8.54
N VAL A 83 -15.39 5.97 -8.62
CA VAL A 83 -16.20 5.79 -7.40
C VAL A 83 -15.50 4.91 -6.37
N PRO A 84 -15.01 3.73 -6.71
CA PRO A 84 -14.36 2.89 -5.69
C PRO A 84 -13.05 3.46 -5.16
N VAL A 85 -12.34 4.29 -5.93
CA VAL A 85 -11.17 4.98 -5.39
C VAL A 85 -11.60 6.00 -4.34
N VAL A 86 -12.59 6.81 -4.67
CA VAL A 86 -13.11 7.79 -3.71
C VAL A 86 -13.54 7.09 -2.42
N GLN A 87 -14.35 6.04 -2.55
CA GLN A 87 -14.86 5.36 -1.37
C GLN A 87 -13.75 4.75 -0.52
N ALA A 88 -12.72 4.19 -1.15
CA ALA A 88 -11.61 3.61 -0.37
C ALA A 88 -10.79 4.69 0.34
N ILE A 89 -10.66 5.88 -0.27
CA ILE A 89 -9.96 6.97 0.39
C ILE A 89 -10.74 7.43 1.62
N LYS A 90 -12.06 7.58 1.48
CA LYS A 90 -12.90 7.96 2.62
C LYS A 90 -12.88 6.88 3.70
N ALA A 91 -12.95 5.60 3.30
CA ALA A 91 -12.97 4.51 4.27
C ALA A 91 -11.72 4.49 5.14
N ALA A 92 -10.59 4.98 4.63
CA ALA A 92 -9.38 5.10 5.42
C ALA A 92 -9.33 6.35 6.31
N GLY A 93 -10.33 7.22 6.24
CA GLY A 93 -10.27 8.44 7.01
C GLY A 93 -9.61 9.61 6.30
N SER A 94 -9.20 9.43 5.05
CA SER A 94 -8.60 10.51 4.29
C SER A 94 -9.67 11.20 3.43
N VAL A 95 -9.33 12.37 2.92
CA VAL A 95 -10.22 13.18 2.10
C VAL A 95 -9.84 13.01 0.63
N PRO A 96 -10.76 12.59 -0.24
CA PRO A 96 -10.41 12.45 -1.66
C PRO A 96 -10.55 13.79 -2.38
N GLY A 97 -9.51 14.16 -3.12
CA GLY A 97 -9.56 15.28 -4.03
C GLY A 97 -9.14 14.79 -5.40
N ILE A 98 -9.36 15.63 -6.42
CA ILE A 98 -8.92 15.29 -7.77
C ILE A 98 -8.44 16.53 -8.50
N GLN A 99 -7.42 16.35 -9.34
CA GLN A 99 -6.93 17.40 -10.22
C GLN A 99 -7.48 17.15 -11.62
N ILE A 100 -8.27 18.08 -12.13
CA ILE A 100 -8.79 18.00 -13.49
C ILE A 100 -7.98 18.93 -14.36
N ALA A 101 -7.70 18.50 -15.58
CA ALA A 101 -6.58 19.05 -16.32
C ALA A 101 -6.83 19.01 -17.82
N HIS A 102 -6.08 19.84 -18.53
CA HIS A 102 -5.98 19.77 -19.97
C HIS A 102 -4.54 20.09 -20.34
N ALA A 103 -3.86 19.12 -20.96
CA ALA A 103 -2.42 19.26 -21.15
C ALA A 103 -2.06 20.28 -22.23
N GLY A 104 -3.01 20.74 -23.03
CA GLY A 104 -2.69 21.79 -24.01
C GLY A 104 -1.58 21.38 -24.95
N ARG A 105 -0.57 22.24 -25.11
CA ARG A 105 0.44 21.98 -26.12
C ARG A 105 1.51 20.98 -25.66
N LYS A 106 1.49 20.54 -24.40
CA LYS A 106 2.44 19.54 -23.91
C LYS A 106 1.90 18.11 -23.89
N ALA A 107 0.75 17.87 -24.49
CA ALA A 107 0.11 16.56 -24.55
C ALA A 107 0.78 15.67 -25.60
N SER A 108 0.11 14.54 -25.89
CA SER A 108 0.50 13.56 -26.91
C SER A 108 1.94 13.10 -26.70
N ALA A 109 2.28 12.79 -25.45
CA ALA A 109 3.64 12.45 -25.11
C ALA A 109 3.72 10.99 -24.66
N ASN A 110 4.91 10.40 -24.84
CA ASN A 110 5.14 9.04 -24.38
C ASN A 110 5.25 9.00 -22.86
N ARG A 111 4.99 7.83 -22.29
CA ARG A 111 5.17 7.65 -20.85
CA ARG A 111 5.17 7.65 -20.85
C ARG A 111 6.62 7.97 -20.48
N PRO A 112 6.85 8.59 -19.31
CA PRO A 112 8.24 8.99 -18.96
C PRO A 112 9.29 7.89 -19.07
N TRP A 113 8.91 6.62 -18.86
CA TRP A 113 9.87 5.52 -18.99
C TRP A 113 9.84 4.90 -20.38
N GLU A 114 9.26 5.58 -21.37
CA GLU A 114 9.19 5.08 -22.74
C GLU A 114 9.50 6.18 -23.74
N GLY A 115 10.43 7.06 -23.38
CA GLY A 115 10.82 8.14 -24.26
C GLY A 115 10.64 9.51 -23.63
N ASP A 116 9.48 9.73 -23.00
CA ASP A 116 9.18 11.00 -22.33
C ASP A 116 9.18 12.17 -23.33
N ASP A 117 8.82 11.88 -24.58
CA ASP A 117 8.92 12.82 -25.70
C ASP A 117 7.65 12.74 -26.53
N HIS A 118 7.45 13.73 -27.41
CA HIS A 118 6.30 13.75 -28.30
C HIS A 118 6.18 12.43 -29.07
N ILE A 119 4.94 11.97 -29.24
CA ILE A 119 4.66 10.69 -29.91
C ILE A 119 4.57 10.92 -31.43
N ASP A 123 3.53 7.49 -35.12
CA ASP A 123 3.09 6.50 -34.13
C ASP A 123 1.57 6.58 -33.93
N ALA A 124 0.89 5.46 -34.17
CA ALA A 124 -0.57 5.39 -34.20
C ALA A 124 -1.23 5.75 -32.88
N ARG A 125 -0.44 6.12 -31.87
CA ARG A 125 -1.01 6.51 -30.59
C ARG A 125 -1.09 8.03 -30.39
N GLY A 126 -0.56 8.82 -31.33
CA GLY A 126 -0.50 10.28 -31.17
C GLY A 126 -1.78 11.01 -31.57
N TRP A 127 -1.78 12.31 -31.31
CA TRP A 127 -2.95 13.14 -31.61
C TRP A 127 -2.56 14.61 -31.70
N GLU A 128 -3.38 15.36 -32.43
CA GLU A 128 -3.21 16.81 -32.55
C GLU A 128 -3.51 17.49 -31.21
N THR A 129 -2.68 18.46 -30.83
CA THR A 129 -2.87 19.23 -29.61
C THR A 129 -3.38 20.62 -29.95
N ILE A 130 -3.91 21.30 -28.93
CA ILE A 130 -4.46 22.64 -29.06
C ILE A 130 -3.80 23.54 -28.02
N ALA A 131 -3.75 24.84 -28.31
CA ALA A 131 -3.16 25.80 -27.39
C ALA A 131 -3.62 27.19 -27.79
N PRO A 132 -3.36 28.21 -26.95
CA PRO A 132 -3.73 29.59 -27.33
C PRO A 132 -3.20 29.98 -28.68
N SER A 133 -1.95 29.62 -28.96
CA SER A 133 -1.27 29.99 -30.18
C SER A 133 -0.57 28.77 -30.78
N ALA A 134 -0.33 28.84 -32.09
CA ALA A 134 0.30 27.73 -32.80
C ALA A 134 1.82 27.89 -32.65
N ILE A 135 2.31 27.55 -31.46
CA ILE A 135 3.73 27.65 -31.12
C ILE A 135 4.11 26.42 -30.32
N ALA A 136 5.10 25.67 -30.78
CA ALA A 136 5.50 24.45 -30.10
C ALA A 136 6.24 24.79 -28.80
N PHE A 137 6.14 23.88 -27.84
CA PHE A 137 6.91 24.01 -26.60
C PHE A 137 8.41 24.03 -26.88
N GLY A 138 8.87 23.17 -27.79
CA GLY A 138 10.27 23.00 -28.09
C GLY A 138 10.84 21.73 -27.48
N ALA A 139 12.17 21.67 -27.43
CA ALA A 139 12.91 20.57 -26.80
C ALA A 139 12.32 19.24 -27.29
N HIS A 140 11.92 18.35 -26.40
CA HIS A 140 11.37 17.05 -26.78
C HIS A 140 9.87 17.10 -27.04
N LEU A 141 9.28 18.29 -27.14
CA LEU A 141 7.87 18.47 -27.49
C LEU A 141 7.78 19.43 -28.67
N PRO A 142 8.23 18.99 -29.85
CA PRO A 142 8.26 19.88 -31.02
C PRO A 142 6.99 19.97 -31.86
N ASN A 143 5.94 19.20 -31.56
CA ASN A 143 4.72 19.26 -32.38
C ASN A 143 4.00 20.58 -32.17
N VAL A 144 3.63 21.23 -33.26
CA VAL A 144 3.01 22.56 -33.17
C VAL A 144 1.51 22.40 -32.89
N PRO A 145 0.98 23.10 -31.89
CA PRO A 145 -0.44 22.96 -31.59
C PRO A 145 -1.31 23.72 -32.57
N ARG A 146 -2.55 23.29 -32.64
CA ARG A 146 -3.57 24.05 -33.33
C ARG A 146 -4.02 25.20 -32.43
N ALA A 147 -4.02 26.42 -32.96
CA ALA A 147 -4.50 27.57 -32.18
C ALA A 147 -6.00 27.47 -31.98
N MET A 148 -6.45 27.73 -30.76
CA MET A 148 -7.86 27.54 -30.42
C MET A 148 -8.72 28.69 -30.91
N THR A 149 -9.89 28.35 -31.44
CA THR A 149 -10.88 29.35 -31.81
C THR A 149 -11.72 29.70 -30.59
N LEU A 150 -12.62 30.68 -30.76
CA LEU A 150 -13.56 30.97 -29.68
C LEU A 150 -14.47 29.77 -29.41
N ASP A 151 -14.79 29.01 -30.43
CA ASP A 151 -15.59 27.82 -30.21
C ASP A 151 -14.80 26.76 -29.44
N ASP A 152 -13.51 26.63 -29.72
CA ASP A 152 -12.68 25.72 -28.94
C ASP A 152 -12.65 26.11 -27.47
N ILE A 153 -12.50 27.40 -27.20
CA ILE A 153 -12.44 27.87 -25.82
C ILE A 153 -13.75 27.58 -25.09
N ALA A 154 -14.88 27.79 -25.77
CA ALA A 154 -16.18 27.45 -25.18
C ALA A 154 -16.31 25.94 -24.93
N ARG A 155 -15.83 25.13 -25.87
CA ARG A 155 -15.87 23.67 -25.69
C ARG A 155 -15.07 23.26 -24.46
N VAL A 156 -13.82 23.71 -24.35
CA VAL A 156 -12.95 23.24 -23.27
C VAL A 156 -13.45 23.73 -21.92
N LYS A 157 -13.96 24.96 -21.84
CA LYS A 157 -14.55 25.41 -20.58
C LYS A 157 -15.68 24.48 -20.14
N GLN A 158 -16.54 24.07 -21.07
CA GLN A 158 -17.63 23.15 -20.75
C GLN A 158 -17.10 21.76 -20.38
N ASP A 159 -15.99 21.32 -20.99
CA ASP A 159 -15.31 20.10 -20.55
C ASP A 159 -14.89 20.19 -19.08
N PHE A 160 -14.27 21.31 -18.69
CA PHE A 160 -13.94 21.48 -17.28
C PHE A 160 -15.20 21.43 -16.42
N VAL A 161 -16.29 22.03 -16.89
CA VAL A 161 -17.53 22.01 -16.09
C VAL A 161 -18.06 20.60 -15.96
N ASP A 162 -18.09 19.86 -17.08
CA ASP A 162 -18.57 18.48 -17.05
C ASP A 162 -17.70 17.61 -16.17
N ALA A 163 -16.37 17.81 -16.24
CA ALA A 163 -15.47 17.06 -15.36
C ALA A 163 -15.75 17.39 -13.90
N ALA A 164 -15.94 18.67 -13.58
CA ALA A 164 -16.24 19.04 -12.20
C ALA A 164 -17.52 18.37 -11.74
N ARG A 165 -18.53 18.36 -12.60
CA ARG A 165 -19.82 17.77 -12.25
C ARG A 165 -19.67 16.27 -12.00
N ARG A 166 -18.96 15.57 -12.89
CA ARG A 166 -18.67 14.15 -12.67
C ARG A 166 -17.89 13.93 -11.40
N ALA A 167 -16.85 14.75 -11.16
CA ALA A 167 -16.09 14.62 -9.91
C ALA A 167 -17.00 14.75 -8.70
N ARG A 168 -17.89 15.76 -8.72
CA ARG A 168 -18.84 15.91 -7.62
C ARG A 168 -19.64 14.63 -7.42
N ASP A 169 -20.17 14.07 -8.50
CA ASP A 169 -21.06 12.93 -8.39
C ASP A 169 -20.32 11.65 -8.03
N ALA A 170 -19.03 11.57 -8.33
CA ALA A 170 -18.23 10.43 -7.88
C ALA A 170 -17.91 10.50 -6.38
N GLY A 171 -18.11 11.65 -5.75
CA GLY A 171 -17.92 11.77 -4.33
C GLY A 171 -16.65 12.47 -3.90
N PHE A 172 -15.87 12.99 -4.82
CA PHE A 172 -14.72 13.81 -4.44
C PHE A 172 -15.21 15.01 -3.64
N GLU A 173 -14.41 15.39 -2.63
CA GLU A 173 -14.75 16.46 -1.71
C GLU A 173 -13.80 17.62 -1.83
N TRP A 174 -13.03 17.66 -2.90
CA TRP A 174 -11.94 18.59 -3.07
C TRP A 174 -11.55 18.53 -4.54
N ILE A 175 -11.53 19.66 -5.24
CA ILE A 175 -11.18 19.67 -6.65
C ILE A 175 -10.05 20.67 -6.86
N GLU A 176 -9.19 20.40 -7.83
CA GLU A 176 -8.03 21.23 -8.13
C GLU A 176 -8.00 21.47 -9.63
N LEU A 177 -8.04 22.72 -10.05
CA LEU A 177 -7.90 23.00 -11.46
C LEU A 177 -6.41 23.05 -11.80
N HIS A 178 -6.00 22.34 -12.86
CA HIS A 178 -4.58 22.29 -13.21
C HIS A 178 -4.23 23.46 -14.12
N PHE A 179 -3.88 24.60 -13.49
CA PHE A 179 -3.44 25.80 -14.18
C PHE A 179 -1.93 26.00 -14.07
N ALA A 180 -1.18 24.91 -13.94
CA ALA A 180 0.26 24.93 -13.72
C ALA A 180 0.97 24.10 -14.79
N HIS A 181 2.32 24.13 -14.72
CA HIS A 181 3.24 23.19 -15.38
C HIS A 181 3.18 23.27 -16.91
N GLY A 182 2.82 24.44 -17.45
CA GLY A 182 2.84 24.66 -18.88
C GLY A 182 1.66 24.07 -19.64
N TYR A 183 0.65 23.59 -18.94
CA TYR A 183 -0.50 23.03 -19.68
C TYR A 183 -1.45 24.14 -20.13
N LEU A 184 -2.70 23.81 -20.48
CA LEU A 184 -3.54 24.75 -21.22
C LEU A 184 -3.73 26.05 -20.46
N GLY A 185 -4.24 25.98 -19.23
CA GLY A 185 -4.42 27.18 -18.41
C GLY A 185 -3.14 27.98 -18.22
N GLN A 186 -2.05 27.32 -17.84
CA GLN A 186 -0.78 28.01 -17.71
C GLN A 186 -0.39 28.68 -19.02
N SER A 187 -0.56 27.98 -20.15
CA SER A 187 -0.11 28.56 -21.41
C SER A 187 -0.97 29.78 -21.80
N PHE A 188 -2.24 29.82 -21.37
CA PHE A 188 -3.02 31.03 -21.62
C PHE A 188 -2.50 32.22 -20.82
N PHE A 189 -1.98 31.99 -19.61
CA PHE A 189 -1.53 33.13 -18.81
C PHE A 189 -0.18 33.66 -19.28
N SER A 190 0.69 32.81 -19.83
CA SER A 190 2.07 33.22 -20.08
C SER A 190 2.18 33.95 -21.42
N GLU A 191 2.95 35.05 -21.41
CA GLU A 191 3.26 35.74 -22.66
C GLU A 191 4.14 34.91 -23.57
N HIS A 192 4.94 34.00 -22.99
CA HIS A 192 5.80 33.13 -23.81
C HIS A 192 4.99 32.35 -24.82
N SER A 193 3.80 31.88 -24.42
CA SER A 193 3.00 30.97 -25.22
C SER A 193 1.73 31.59 -25.77
N ASN A 194 1.25 32.68 -25.16
CA ASN A 194 0.01 33.34 -25.55
C ASN A 194 0.34 34.57 -26.41
N LYS A 195 0.17 34.41 -27.72
CA LYS A 195 0.34 35.52 -28.65
C LYS A 195 -0.97 35.92 -29.31
N ARG A 196 -2.10 35.55 -28.72
CA ARG A 196 -3.39 35.91 -29.30
C ARG A 196 -3.60 37.42 -29.30
N THR A 197 -4.51 37.89 -30.14
CA THR A 197 -4.87 39.30 -30.20
C THR A 197 -6.35 39.57 -29.94
N ASP A 198 -7.11 38.55 -29.57
CA ASP A 198 -8.52 38.71 -29.27
C ASP A 198 -8.70 38.90 -27.76
N ALA A 199 -9.88 38.58 -27.24
CA ALA A 199 -10.19 38.80 -25.84
C ALA A 199 -9.41 37.89 -24.89
N TYR A 200 -8.65 36.91 -25.41
CA TYR A 200 -7.94 35.98 -24.55
C TYR A 200 -6.42 36.12 -24.61
N GLY A 201 -5.90 37.19 -25.20
CA GLY A 201 -4.48 37.40 -25.23
C GLY A 201 -4.14 38.88 -25.28
N GLY A 202 -2.85 39.16 -25.08
CA GLY A 202 -2.36 40.52 -25.13
C GLY A 202 -2.18 41.12 -23.75
N SER A 203 -3.24 41.75 -23.25
CA SER A 203 -3.18 42.37 -21.94
C SER A 203 -3.22 41.33 -20.83
N PHE A 204 -2.90 41.78 -19.61
CA PHE A 204 -3.03 40.92 -18.43
C PHE A 204 -4.48 40.46 -18.23
N ASP A 205 -5.45 41.36 -18.36
CA ASP A 205 -6.85 40.96 -18.22
C ASP A 205 -7.24 39.87 -19.20
N ASN A 206 -6.76 39.98 -20.45
CA ASN A 206 -7.12 38.98 -21.46
C ASN A 206 -6.42 37.66 -21.19
N ARG A 207 -5.15 37.71 -20.79
CA ARG A 207 -4.43 36.47 -20.52
C ARG A 207 -5.01 35.74 -19.30
N SER A 208 -5.52 36.47 -18.32
CA SER A 208 -6.21 35.90 -17.18
C SER A 208 -7.59 35.34 -17.51
N ARG A 209 -8.19 35.75 -18.62
CA ARG A 209 -9.62 35.54 -18.84
C ARG A 209 -9.98 34.05 -18.84
N PHE A 210 -9.25 33.25 -19.62
CA PHE A 210 -9.57 31.82 -19.71
C PHE A 210 -9.58 31.18 -18.33
N LEU A 211 -8.59 31.50 -17.50
CA LEU A 211 -8.48 30.91 -16.16
C LEU A 211 -9.63 31.34 -15.27
N LEU A 212 -9.93 32.66 -15.24
CA LEU A 212 -11.05 33.19 -14.47
C LEU A 212 -12.39 32.70 -15.00
N GLU A 213 -12.54 32.61 -16.32
CA GLU A 213 -13.80 32.10 -16.87
C GLU A 213 -13.97 30.61 -16.58
N THR A 214 -12.90 29.82 -16.70
CA THR A 214 -12.99 28.40 -16.34
C THR A 214 -13.33 28.22 -14.87
N LEU A 215 -12.66 28.96 -13.98
CA LEU A 215 -12.99 28.89 -12.56
C LEU A 215 -14.45 29.26 -12.29
N ALA A 216 -14.94 30.37 -12.89
CA ALA A 216 -16.32 30.78 -12.65
C ALA A 216 -17.31 29.74 -13.15
N ALA A 217 -17.04 29.18 -14.32
CA ALA A 217 -17.89 28.14 -14.88
C ALA A 217 -17.89 26.89 -13.99
N VAL A 218 -16.72 26.49 -13.50
CA VAL A 218 -16.64 25.36 -12.59
C VAL A 218 -17.39 25.66 -11.30
N ARG A 219 -17.34 26.92 -10.85
CA ARG A 219 -17.99 27.28 -9.60
C ARG A 219 -19.48 27.01 -9.63
N GLU A 220 -20.08 27.04 -10.82
CA GLU A 220 -21.53 26.91 -10.91
C GLU A 220 -22.00 25.50 -10.61
N VAL A 221 -21.20 24.47 -10.91
CA VAL A 221 -21.60 23.11 -10.62
C VAL A 221 -20.91 22.53 -9.37
N TRP A 222 -19.79 23.10 -8.94
CA TRP A 222 -19.05 22.58 -7.80
C TRP A 222 -19.66 23.12 -6.51
N PRO A 223 -20.00 22.26 -5.54
CA PRO A 223 -20.72 22.74 -4.36
C PRO A 223 -19.96 23.82 -3.60
N GLU A 224 -20.71 24.78 -3.06
CA GLU A 224 -20.13 25.89 -2.32
C GLU A 224 -19.51 25.45 -1.01
N ASN A 225 -19.91 24.32 -0.46
CA ASN A 225 -19.37 23.86 0.81
C ASN A 225 -18.14 22.96 0.67
N LEU A 226 -17.67 22.70 -0.57
CA LEU A 226 -16.48 21.86 -0.76
C LEU A 226 -15.32 22.66 -1.35
N PRO A 227 -14.11 22.48 -0.85
CA PRO A 227 -12.99 23.30 -1.34
C PRO A 227 -12.85 23.29 -2.86
N LEU A 228 -12.73 24.48 -3.43
CA LEU A 228 -12.41 24.68 -4.84
C LEU A 228 -11.00 25.25 -4.90
N THR A 229 -10.06 24.50 -5.45
CA THR A 229 -8.65 24.92 -5.42
C THR A 229 -8.09 24.90 -6.85
N ALA A 230 -6.86 25.36 -6.98
CA ALA A 230 -6.16 25.33 -8.26
C ALA A 230 -4.68 25.19 -7.97
N ARG A 231 -3.97 24.61 -8.92
CA ARG A 231 -2.50 24.58 -8.93
C ARG A 231 -2.05 25.52 -10.03
N PHE A 232 -1.07 26.37 -9.71
CA PHE A 232 -0.78 27.51 -10.57
C PHE A 232 0.71 27.79 -10.51
N GLY A 233 1.36 27.88 -11.67
CA GLY A 233 2.76 28.24 -11.71
C GLY A 233 2.95 29.75 -11.61
N VAL A 234 3.56 30.22 -10.52
CA VAL A 234 3.66 31.65 -10.27
C VAL A 234 4.96 32.27 -10.76
N LEU A 235 5.94 31.45 -11.19
CA LEU A 235 7.15 31.98 -11.80
C LEU A 235 7.75 30.89 -12.68
N GLU A 236 8.63 31.32 -13.60
CA GLU A 236 9.23 30.42 -14.58
C GLU A 236 10.70 30.19 -14.39
N TYR A 237 11.38 31.01 -13.58
CA TYR A 237 12.84 31.07 -13.57
C TYR A 237 13.37 31.30 -14.98
N ASP A 238 12.79 32.31 -15.65
CA ASP A 238 13.11 32.69 -17.03
C ASP A 238 13.69 34.10 -17.12
N GLY A 239 14.30 34.60 -16.05
CA GLY A 239 14.79 35.95 -16.05
C GLY A 239 13.74 37.03 -15.95
N ARG A 240 12.48 36.69 -15.67
CA ARG A 240 11.39 37.66 -15.51
C ARG A 240 10.64 37.42 -14.21
N ASP A 241 11.37 37.06 -13.15
CA ASP A 241 10.75 36.44 -11.99
C ASP A 241 9.96 37.42 -11.14
N GLU A 242 10.52 38.61 -10.88
CA GLU A 242 9.79 39.58 -10.05
C GLU A 242 8.55 40.10 -10.78
N GLN A 243 8.65 40.36 -12.08
CA GLN A 243 7.48 40.77 -12.85
C GLN A 243 6.45 39.64 -12.91
N THR A 244 6.90 38.42 -13.22
CA THR A 244 5.98 37.30 -13.35
C THR A 244 5.32 36.99 -12.01
N LEU A 245 6.11 36.93 -10.95
CA LEU A 245 5.60 36.65 -9.62
C LEU A 245 4.53 37.66 -9.20
N GLU A 246 4.75 38.94 -9.50
CA GLU A 246 3.80 40.00 -9.15
C GLU A 246 2.51 39.87 -9.91
N GLU A 247 2.59 39.62 -11.22
CA GLU A 247 1.39 39.35 -11.99
C GLU A 247 0.69 38.09 -11.48
N SER A 248 1.45 37.03 -11.20
CA SER A 248 0.83 35.79 -10.75
C SER A 248 0.09 36.00 -9.44
N ILE A 249 0.67 36.78 -8.53
CA ILE A 249 0.01 37.06 -7.26
C ILE A 249 -1.25 37.90 -7.50
N GLU A 250 -1.21 38.80 -8.49
CA GLU A 250 -2.40 39.56 -8.81
C GLU A 250 -3.52 38.63 -9.28
N LEU A 251 -3.19 37.71 -10.17
CA LEU A 251 -4.17 36.71 -10.60
C LEU A 251 -4.68 35.90 -9.41
N ALA A 252 -3.79 35.50 -8.51
CA ALA A 252 -4.23 34.81 -7.30
C ALA A 252 -5.26 35.64 -6.52
N ARG A 253 -5.10 36.97 -6.47
CA ARG A 253 -6.09 37.81 -5.78
C ARG A 253 -7.44 37.76 -6.48
N ARG A 254 -7.42 37.70 -7.82
CA ARG A 254 -8.67 37.60 -8.57
C ARG A 254 -9.28 36.22 -8.45
N PHE A 255 -8.45 35.17 -8.36
CA PHE A 255 -8.94 33.83 -8.03
C PHE A 255 -9.70 33.84 -6.71
N LYS A 256 -9.11 34.45 -5.68
CA LYS A 256 -9.75 34.52 -4.37
C LYS A 256 -11.09 35.25 -4.46
N ALA A 257 -11.11 36.41 -5.12
CA ALA A 257 -12.36 37.13 -5.31
C ALA A 257 -13.37 36.31 -6.09
N GLY A 258 -12.90 35.37 -6.92
CA GLY A 258 -13.74 34.47 -7.68
C GLY A 258 -14.09 33.17 -6.99
N GLY A 259 -13.76 33.03 -5.71
CA GLY A 259 -14.16 31.87 -4.95
C GLY A 259 -13.14 30.77 -4.78
N LEU A 260 -11.91 30.95 -5.23
CA LEU A 260 -10.88 29.93 -4.98
C LEU A 260 -10.61 29.83 -3.48
N ASP A 261 -10.56 28.61 -2.95
CA ASP A 261 -10.41 28.40 -1.51
C ASP A 261 -8.95 28.19 -1.09
N LEU A 262 -8.09 27.68 -1.97
CA LEU A 262 -6.69 27.45 -1.66
C LEU A 262 -5.92 27.35 -2.95
N LEU A 263 -4.65 27.75 -2.91
CA LEU A 263 -3.79 27.77 -4.08
C LEU A 263 -2.59 26.84 -3.88
N SER A 264 -2.42 25.91 -4.82
CA SER A 264 -1.26 25.05 -4.85
C SER A 264 -0.21 25.74 -5.70
N VAL A 265 0.85 26.24 -5.06
CA VAL A 265 1.82 27.13 -5.66
C VAL A 265 2.92 26.31 -6.31
N SER A 266 3.12 26.50 -7.61
CA SER A 266 4.06 25.70 -8.37
C SER A 266 4.87 26.59 -9.31
N VAL A 267 5.66 25.93 -10.17
CA VAL A 267 6.47 26.58 -11.20
C VAL A 267 5.78 26.38 -12.54
N GLY A 268 5.96 27.35 -13.44
CA GLY A 268 5.19 27.38 -14.67
C GLY A 268 5.56 26.29 -15.67
N PHE A 269 6.85 26.04 -15.85
CA PHE A 269 7.33 25.07 -16.87
C PHE A 269 6.74 25.36 -18.26
N THR A 270 6.53 26.64 -18.58
CA THR A 270 5.86 26.98 -19.83
C THR A 270 6.79 26.82 -21.04
N ILE A 271 8.07 27.08 -20.86
CA ILE A 271 9.09 26.93 -21.89
C ILE A 271 10.26 26.18 -21.26
N PRO A 272 11.16 25.64 -22.10
CA PRO A 272 12.29 24.86 -21.53
C PRO A 272 13.51 25.70 -21.18
N GLU A 273 13.60 26.92 -21.71
CA GLU A 273 14.75 27.80 -21.46
C GLU A 273 14.62 28.41 -20.06
N THR A 274 15.01 27.64 -19.05
CA THR A 274 14.85 28.06 -17.67
C THR A 274 15.99 27.52 -16.82
N ASN A 275 16.12 28.09 -15.63
CA ASN A 275 17.15 27.71 -14.67
C ASN A 275 16.48 27.53 -13.30
N ILE A 276 15.77 26.42 -13.15
CA ILE A 276 15.03 26.17 -11.90
C ILE A 276 16.03 25.77 -10.81
N PRO A 277 16.06 26.46 -9.64
CA PRO A 277 17.02 26.14 -8.55
C PRO A 277 16.49 25.06 -7.61
N TRP A 278 16.36 23.84 -8.15
CA TRP A 278 15.85 22.73 -7.37
C TRP A 278 16.64 22.58 -6.07
N GLY A 279 15.92 22.32 -4.99
CA GLY A 279 16.51 22.06 -3.71
C GLY A 279 15.40 21.78 -2.74
N PRO A 280 15.75 21.19 -1.59
CA PRO A 280 14.71 20.78 -0.62
C PRO A 280 13.90 21.97 -0.11
N ALA A 281 12.58 21.89 -0.32
CA ALA A 281 11.62 22.92 0.12
C ALA A 281 11.88 24.26 -0.53
N PHE A 282 12.44 24.26 -1.75
CA PHE A 282 12.84 25.54 -2.32
C PHE A 282 11.65 26.45 -2.64
N MET A 283 10.45 25.90 -2.80
CA MET A 283 9.27 26.71 -3.07
C MET A 283 8.72 27.39 -1.83
N GLY A 284 9.19 27.00 -0.63
CA GLY A 284 8.69 27.52 0.62
C GLY A 284 8.52 29.03 0.64
N PRO A 285 9.61 29.77 0.37
CA PRO A 285 9.49 31.24 0.41
C PRO A 285 8.67 31.81 -0.73
N ILE A 286 8.57 31.12 -1.87
CA ILE A 286 7.65 31.57 -2.91
C ILE A 286 6.22 31.41 -2.44
N ALA A 287 5.91 30.27 -1.85
CA ALA A 287 4.53 30.03 -1.40
C ALA A 287 4.14 30.99 -0.28
N GLU A 288 5.09 31.30 0.61
CA GLU A 288 4.82 32.22 1.71
C GLU A 288 4.46 33.59 1.17
N ARG A 289 5.22 34.06 0.19
CA ARG A 289 4.96 35.37 -0.36
C ARG A 289 3.60 35.41 -1.02
N VAL A 290 3.24 34.36 -1.77
CA VAL A 290 1.90 34.32 -2.36
C VAL A 290 0.84 34.30 -1.28
N ARG A 291 1.03 33.44 -0.26
CA ARG A 291 0.07 33.34 0.83
C ARG A 291 -0.18 34.69 1.47
N ARG A 292 0.90 35.43 1.72
CA ARG A 292 0.81 36.67 2.49
C ARG A 292 0.25 37.82 1.64
N GLU A 293 0.66 37.91 0.39
CA GLU A 293 0.27 39.03 -0.46
C GLU A 293 -1.13 38.84 -1.04
N ALA A 294 -1.50 37.61 -1.43
CA ALA A 294 -2.84 37.32 -1.92
C ALA A 294 -3.81 36.92 -0.83
N LYS A 295 -3.32 36.71 0.39
CA LYS A 295 -4.18 36.43 1.54
C LYS A 295 -5.12 35.24 1.28
N LEU A 296 -4.54 34.16 0.75
CA LEU A 296 -5.13 32.85 0.44
C LEU A 296 -4.34 31.76 1.14
N PRO A 297 -5.01 30.71 1.65
CA PRO A 297 -4.25 29.52 2.06
C PRO A 297 -3.55 28.91 0.86
N VAL A 298 -2.40 28.28 1.12
CA VAL A 298 -1.59 27.69 0.06
C VAL A 298 -1.04 26.33 0.49
N THR A 299 -0.71 25.52 -0.50
CA THR A 299 0.18 24.39 -0.32
C THR A 299 1.27 24.47 -1.36
N SER A 300 2.31 23.66 -1.18
CA SER A 300 3.34 23.55 -2.18
C SER A 300 4.05 22.21 -1.99
N ALA A 301 5.03 21.95 -2.85
CA ALA A 301 5.66 20.64 -2.91
C ALA A 301 7.09 20.80 -3.41
N TRP A 302 7.82 19.68 -3.40
CA TRP A 302 9.19 19.46 -3.81
C TRP A 302 10.11 19.41 -2.59
N GLY A 303 10.43 18.19 -2.15
CA GLY A 303 11.43 17.96 -1.13
C GLY A 303 10.93 17.98 0.30
N PHE A 304 9.64 17.91 0.54
CA PHE A 304 9.14 17.92 1.91
C PHE A 304 9.04 16.51 2.51
N GLY A 305 9.62 15.51 1.84
CA GLY A 305 9.67 14.18 2.39
C GLY A 305 10.53 14.04 3.63
N THR A 306 11.33 15.04 3.94
CA THR A 306 12.02 15.07 5.23
C THR A 306 11.02 15.63 6.24
N PRO A 307 10.56 14.84 7.21
CA PRO A 307 9.50 15.34 8.10
C PRO A 307 9.82 16.68 8.75
N GLN A 308 11.09 16.91 9.10
CA GLN A 308 11.48 18.16 9.77
C GLN A 308 11.29 19.36 8.86
N LEU A 309 11.50 19.18 7.57
CA LEU A 309 11.27 20.25 6.60
C LEU A 309 9.79 20.59 6.51
N ALA A 310 8.94 19.58 6.51
CA ALA A 310 7.51 19.83 6.49
C ALA A 310 7.08 20.61 7.73
N GLU A 311 7.54 20.19 8.91
CA GLU A 311 7.20 20.88 10.15
C GLU A 311 7.68 22.34 10.10
N ALA A 312 8.91 22.58 9.63
CA ALA A 312 9.43 23.94 9.64
C ALA A 312 8.61 24.87 8.74
N ALA A 313 8.18 24.41 7.56
CA ALA A 313 7.41 25.27 6.67
C ALA A 313 6.05 25.64 7.29
N LEU A 314 5.44 24.71 8.02
CA LEU A 314 4.16 24.99 8.69
C LEU A 314 4.35 25.95 9.86
N GLN A 315 5.38 25.73 10.68
CA GLN A 315 5.60 26.63 11.80
C GLN A 315 5.99 28.02 11.33
N ALA A 316 6.62 28.14 10.17
CA ALA A 316 6.91 29.43 9.61
C ALA A 316 5.71 30.05 8.90
N ASN A 317 4.58 29.35 8.82
CA ASN A 317 3.43 29.87 8.09
C ASN A 317 3.77 30.16 6.64
N GLN A 318 4.63 29.33 6.04
CA GLN A 318 4.81 29.40 4.60
C GLN A 318 3.74 28.62 3.86
N LEU A 319 3.10 27.68 4.54
CA LEU A 319 2.16 26.74 3.95
C LEU A 319 1.04 26.51 4.95
N ASP A 320 -0.14 26.20 4.43
CA ASP A 320 -1.18 25.63 5.25
C ASP A 320 -1.23 24.13 5.16
N LEU A 321 -0.92 23.57 3.99
CA LEU A 321 -0.80 22.13 3.81
C LEU A 321 0.53 21.86 3.14
N VAL A 322 1.19 20.76 3.54
CA VAL A 322 2.45 20.34 2.93
C VAL A 322 2.15 19.18 1.99
N SER A 323 2.54 19.34 0.73
CA SER A 323 2.36 18.27 -0.25
C SER A 323 3.63 17.42 -0.33
N VAL A 324 3.47 16.11 -0.11
CA VAL A 324 4.55 15.11 -0.09
C VAL A 324 4.22 14.11 -1.19
N GLY A 325 4.97 14.14 -2.29
CA GLY A 325 4.67 13.24 -3.39
C GLY A 325 5.50 11.96 -3.44
N ARG A 326 6.74 12.07 -3.94
CA ARG A 326 7.58 10.90 -4.19
C ARG A 326 7.84 10.08 -2.94
N ALA A 327 7.91 10.71 -1.77
CA ALA A 327 8.12 9.93 -0.55
C ALA A 327 6.94 8.98 -0.29
N HIS A 328 5.73 9.33 -0.74
CA HIS A 328 4.60 8.41 -0.63
C HIS A 328 4.61 7.33 -1.70
N LEU A 329 5.32 7.52 -2.80
CA LEU A 329 5.56 6.40 -3.71
C LEU A 329 6.53 5.40 -3.11
N ALA A 330 7.62 5.91 -2.52
CA ALA A 330 8.58 5.03 -1.85
C ALA A 330 7.95 4.35 -0.66
N ASP A 331 7.14 5.08 0.10
CA ASP A 331 6.53 4.57 1.33
C ASP A 331 5.09 5.04 1.42
N PRO A 332 4.13 4.19 1.06
CA PRO A 332 2.72 4.59 1.14
C PRO A 332 2.28 5.02 2.52
N HIS A 333 2.99 4.59 3.56
CA HIS A 333 2.69 4.96 4.93
C HIS A 333 3.60 6.08 5.43
N TRP A 334 3.99 6.99 4.54
CA TRP A 334 4.90 8.06 4.94
C TRP A 334 4.35 8.85 6.13
N ALA A 335 3.05 9.07 6.20
CA ALA A 335 2.52 9.87 7.30
C ALA A 335 2.90 9.27 8.65
N TYR A 336 2.81 7.95 8.79
CA TYR A 336 3.23 7.28 10.02
C TYR A 336 4.71 7.48 10.31
N PHE A 337 5.56 7.32 9.28
CA PHE A 337 7.00 7.62 9.39
C PHE A 337 7.23 9.04 9.82
N ALA A 338 6.46 10.00 9.28
CA ALA A 338 6.65 11.39 9.67
C ALA A 338 6.23 11.59 11.12
N ALA A 339 5.17 10.93 11.55
CA ALA A 339 4.72 11.06 12.92
C ALA A 339 5.75 10.52 13.89
N LYS A 340 6.31 9.33 13.58
CA LYS A 340 7.36 8.74 14.41
C LYS A 340 8.61 9.61 14.41
N GLU A 341 9.04 10.06 13.23
CA GLU A 341 10.24 10.87 13.17
C GLU A 341 10.11 12.16 13.97
N LEU A 342 8.91 12.75 14.05
CA LEU A 342 8.71 14.01 14.76
C LEU A 342 8.27 13.82 16.22
N GLY A 343 8.35 12.59 16.76
CA GLY A 343 8.00 12.33 18.14
C GLY A 343 6.55 12.50 18.52
N VAL A 344 5.64 12.33 17.55
CA VAL A 344 4.22 12.49 17.83
C VAL A 344 3.73 11.39 18.76
N GLU A 345 2.93 11.77 19.74
CA GLU A 345 2.42 10.83 20.73
C GLU A 345 1.40 9.88 20.09
N LYS A 346 1.51 8.59 20.43
CA LYS A 346 0.71 7.55 19.81
C LYS A 346 0.90 7.58 18.29
N ALA A 347 2.17 7.69 17.88
CA ALA A 347 2.48 7.88 16.46
C ALA A 347 1.94 6.75 15.60
N SER A 348 1.92 5.51 16.13
CA SER A 348 1.48 4.37 15.34
C SER A 348 -0.01 4.42 15.02
N TRP A 349 -0.79 5.20 15.76
CA TRP A 349 -2.21 5.30 15.45
C TRP A 349 -2.51 6.32 14.34
N THR A 350 -1.47 6.71 13.60
CA THR A 350 -1.66 7.38 12.33
C THR A 350 -2.18 6.38 11.30
N LEU A 351 -1.84 5.10 11.50
CA LEU A 351 -2.26 3.94 10.74
C LEU A 351 -3.51 3.32 11.36
N PRO A 352 -4.26 2.55 10.59
CA PRO A 352 -5.42 1.81 11.15
C PRO A 352 -4.99 0.74 12.15
N ALA A 353 -5.97 0.35 12.99
CA ALA A 353 -5.74 -0.59 14.10
C ALA A 353 -5.03 -1.88 13.74
N PRO A 354 -5.30 -2.55 12.60
CA PRO A 354 -4.56 -3.79 12.30
C PRO A 354 -3.06 -3.60 12.21
N TYR A 355 -2.59 -2.38 11.89
CA TYR A 355 -1.18 -2.00 11.93
C TYR A 355 -0.77 -1.30 13.22
N ALA A 356 -1.60 -0.36 13.72
CA ALA A 356 -1.20 0.51 14.81
C ALA A 356 -0.91 -0.26 16.09
N HIS A 357 -1.73 -1.29 16.40
CA HIS A 357 -1.55 -2.03 17.64
C HIS A 357 -0.16 -2.66 17.74
N TRP A 358 0.40 -3.08 16.61
CA TRP A 358 1.66 -3.83 16.60
C TRP A 358 2.87 -2.95 16.47
N LEU A 359 2.69 -1.66 16.19
CA LEU A 359 3.80 -0.73 16.03
C LEU A 359 3.95 0.21 17.22
N GLU A 360 3.21 -0.03 18.31
CA GLU A 360 3.31 0.77 19.53
C GLU A 360 4.58 0.47 20.31
N SER B 2 24.07 -8.90 -3.56
CA SER B 2 23.33 -9.02 -2.31
C SER B 2 22.51 -10.31 -2.27
N ALA B 3 22.82 -11.20 -1.32
CA ALA B 3 22.12 -12.49 -1.26
C ALA B 3 20.62 -12.32 -1.02
N LEU B 4 20.21 -11.20 -0.41
CA LEU B 4 18.80 -10.94 -0.17
C LEU B 4 18.01 -10.84 -1.46
N PHE B 5 18.68 -10.46 -2.55
CA PHE B 5 17.99 -10.21 -3.81
C PHE B 5 18.37 -11.25 -4.86
N GLU B 6 18.73 -12.39 -4.42
CA GLU B 6 18.93 -13.63 -5.18
C GLU B 6 17.60 -14.35 -5.35
N PRO B 7 17.24 -14.77 -6.56
CA PRO B 7 16.01 -15.53 -6.74
C PRO B 7 16.13 -16.89 -6.05
N TYR B 8 15.00 -17.53 -5.87
CA TYR B 8 14.95 -18.81 -5.17
C TYR B 8 13.93 -19.70 -5.86
N THR B 9 14.33 -20.92 -6.19
CA THR B 9 13.46 -21.88 -6.85
C THR B 9 13.18 -23.04 -5.90
N LEU B 10 11.91 -23.44 -5.84
CA LEU B 10 11.50 -24.54 -4.97
C LEU B 10 10.36 -25.24 -5.69
N LYS B 11 10.57 -26.50 -6.06
CA LYS B 11 9.64 -27.19 -6.97
C LYS B 11 9.56 -26.35 -8.24
N ASP B 12 8.37 -25.99 -8.70
CA ASP B 12 8.22 -25.24 -9.95
C ASP B 12 8.07 -23.75 -9.70
N VAL B 13 8.22 -23.29 -8.46
CA VAL B 13 7.98 -21.90 -8.09
C VAL B 13 9.32 -21.19 -7.94
N THR B 14 9.46 -20.04 -8.60
CA THR B 14 10.64 -19.19 -8.50
C THR B 14 10.23 -17.87 -7.84
N LEU B 15 10.91 -17.54 -6.73
CA LEU B 15 10.78 -16.26 -6.08
C LEU B 15 11.84 -15.30 -6.62
N ARG B 16 11.44 -14.06 -6.86
CA ARG B 16 12.37 -13.07 -7.43
C ARG B 16 13.42 -12.58 -6.45
N ASN B 17 13.26 -12.85 -5.14
CA ASN B 17 14.27 -12.49 -4.15
C ASN B 17 14.03 -13.35 -2.92
N ARG B 18 14.82 -13.16 -1.87
CA ARG B 18 14.73 -14.02 -0.69
C ARG B 18 13.86 -13.43 0.41
N ILE B 19 13.14 -12.35 0.13
CA ILE B 19 12.30 -11.68 1.11
C ILE B 19 10.92 -12.31 1.06
N ALA B 20 10.50 -12.90 2.16
CA ALA B 20 9.16 -13.45 2.31
C ALA B 20 8.42 -12.60 3.34
N ILE B 21 7.15 -12.34 3.09
CA ILE B 21 6.27 -11.69 4.06
C ILE B 21 5.53 -12.79 4.81
N PRO B 22 5.74 -12.93 6.13
CA PRO B 22 5.12 -14.01 6.87
C PRO B 22 3.64 -13.74 7.09
N PRO B 23 2.89 -14.77 7.47
CA PRO B 23 1.45 -14.58 7.71
C PRO B 23 1.22 -13.69 8.92
N MET B 24 0.32 -12.70 8.77
CA MET B 24 0.00 -11.75 9.84
C MET B 24 -1.51 -11.48 9.83
N CYS B 25 -2.21 -12.03 10.83
N CYS B 25 -2.23 -12.04 10.81
CA CYS B 25 -3.63 -11.84 10.96
CA CYS B 25 -3.68 -11.87 10.86
C CYS B 25 -4.00 -10.36 10.94
C CYS B 25 -4.03 -10.39 10.93
N GLN B 26 -5.12 -10.05 10.27
CA GLN B 26 -5.58 -8.67 10.18
C GLN B 26 -6.78 -8.40 11.08
N TYR B 27 -7.45 -9.44 11.57
CA TYR B 27 -8.58 -9.27 12.48
C TYR B 27 -9.69 -8.44 11.83
N MET B 28 -9.75 -8.44 10.50
CA MET B 28 -10.69 -7.65 9.73
C MET B 28 -11.72 -8.47 8.91
N ALA B 29 -11.73 -9.78 9.00
CA ALA B 29 -12.72 -10.55 8.27
C ALA B 29 -13.98 -10.71 9.12
N GLU B 30 -15.09 -11.01 8.45
CA GLU B 30 -16.37 -11.23 9.10
C GLU B 30 -16.88 -12.60 8.69
N ASP B 31 -17.13 -13.45 9.69
CA ASP B 31 -17.43 -14.87 9.49
C ASP B 31 -16.43 -15.53 8.54
N GLY B 32 -15.16 -15.19 8.71
CA GLY B 32 -14.10 -15.77 7.90
C GLY B 32 -13.93 -15.20 6.51
N LEU B 33 -14.85 -14.35 6.06
CA LEU B 33 -14.82 -13.81 4.71
C LEU B 33 -13.96 -12.57 4.68
N ILE B 34 -12.95 -12.56 3.81
CA ILE B 34 -12.09 -11.39 3.67
C ILE B 34 -12.77 -10.35 2.76
N ASN B 35 -12.19 -9.17 2.65
CA ASN B 35 -12.92 -8.06 2.05
C ASN B 35 -11.91 -7.02 1.54
N ASP B 36 -12.38 -5.78 1.37
CA ASP B 36 -11.55 -4.75 0.75
C ASP B 36 -10.33 -4.43 1.59
N TRP B 37 -10.40 -4.63 2.90
CA TRP B 37 -9.21 -4.41 3.72
C TRP B 37 -8.06 -5.28 3.24
N HIS B 38 -8.31 -6.60 3.15
CA HIS B 38 -7.27 -7.58 2.80
C HIS B 38 -6.78 -7.37 1.38
N GLN B 39 -7.69 -7.07 0.46
CA GLN B 39 -7.34 -6.90 -0.94
C GLN B 39 -6.26 -5.82 -1.10
N VAL B 40 -6.49 -4.63 -0.54
CA VAL B 40 -5.51 -3.57 -0.71
C VAL B 40 -4.27 -3.88 0.11
N HIS B 41 -4.46 -4.43 1.30
CA HIS B 41 -3.36 -4.77 2.18
C HIS B 41 -2.34 -5.69 1.49
N TYR B 42 -2.81 -6.81 0.92
CA TYR B 42 -1.92 -7.77 0.29
C TYR B 42 -1.42 -7.27 -1.06
N ALA B 43 -2.30 -6.69 -1.90
CA ALA B 43 -1.79 -6.18 -3.18
C ALA B 43 -0.68 -5.14 -2.98
N SER B 44 -0.80 -4.33 -1.93
CA SER B 44 0.18 -3.27 -1.69
C SER B 44 1.53 -3.85 -1.27
N MET B 45 1.54 -4.78 -0.32
CA MET B 45 2.82 -5.39 0.05
C MET B 45 3.45 -6.14 -1.13
N ALA B 46 2.63 -6.78 -1.96
CA ALA B 46 3.15 -7.49 -3.12
C ALA B 46 3.84 -6.53 -4.10
N ARG B 47 3.27 -5.35 -4.30
CA ARG B 47 3.94 -4.37 -5.14
C ARG B 47 5.20 -3.82 -4.49
N GLY B 48 5.33 -3.94 -3.17
CA GLY B 48 6.52 -3.46 -2.49
C GLY B 48 7.79 -4.19 -2.89
N GLY B 49 7.67 -5.37 -3.48
CA GLY B 49 8.80 -6.10 -4.02
C GLY B 49 9.07 -7.44 -3.38
N ALA B 50 8.51 -7.77 -2.22
CA ALA B 50 8.80 -9.07 -1.65
C ALA B 50 8.51 -10.17 -2.67
N GLY B 51 9.35 -11.22 -2.66
CA GLY B 51 9.18 -12.31 -3.61
C GLY B 51 8.09 -13.29 -3.24
N LEU B 52 7.82 -13.45 -1.95
CA LEU B 52 6.80 -14.36 -1.45
C LEU B 52 5.96 -13.64 -0.42
N LEU B 53 4.66 -13.84 -0.49
CA LEU B 53 3.70 -13.23 0.42
C LEU B 53 2.78 -14.34 0.93
N VAL B 54 2.92 -14.71 2.19
CA VAL B 54 2.06 -15.75 2.77
C VAL B 54 0.88 -15.05 3.43
N VAL B 55 -0.31 -15.31 2.93
CA VAL B 55 -1.50 -14.75 3.53
C VAL B 55 -1.66 -15.30 4.94
N GLU B 56 -2.19 -14.45 5.82
CA GLU B 56 -2.41 -14.72 7.24
C GLU B 56 -3.07 -16.06 7.53
N ALA B 57 -2.95 -16.50 8.79
CA ALA B 57 -3.58 -17.73 9.28
C ALA B 57 -5.07 -17.79 8.96
N THR B 58 -5.45 -18.79 8.17
CA THR B 58 -6.80 -18.95 7.69
C THR B 58 -7.39 -20.25 8.26
N ALA B 59 -8.44 -20.10 9.07
CA ALA B 59 -9.02 -21.20 9.81
C ALA B 59 -9.66 -22.20 8.87
N VAL B 60 -9.43 -23.50 9.16
CA VAL B 60 -10.02 -24.59 8.39
C VAL B 60 -11.42 -24.93 8.86
N ALA B 61 -11.87 -24.34 9.96
CA ALA B 61 -13.18 -24.61 10.54
C ALA B 61 -13.56 -23.45 11.44
N PRO B 62 -14.86 -23.16 11.62
CA PRO B 62 -15.23 -21.95 12.37
C PRO B 62 -14.65 -21.92 13.77
N GLU B 63 -14.66 -23.04 14.50
CA GLU B 63 -14.08 -23.08 15.85
C GLU B 63 -12.55 -23.07 15.83
N GLY B 64 -11.94 -23.15 14.66
CA GLY B 64 -10.50 -23.07 14.53
C GLY B 64 -9.95 -21.68 14.38
N ARG B 65 -10.83 -20.68 14.32
CA ARG B 65 -10.41 -19.27 14.28
C ARG B 65 -9.82 -18.87 15.62
N ILE B 66 -8.79 -18.02 15.58
CA ILE B 66 -8.33 -17.41 16.83
C ILE B 66 -9.36 -16.44 17.37
N THR B 67 -9.88 -15.56 16.51
CA THR B 67 -10.82 -14.51 16.90
C THR B 67 -11.97 -14.47 15.92
N PRO B 68 -13.01 -13.70 16.25
CA PRO B 68 -14.13 -13.53 15.30
C PRO B 68 -13.75 -12.74 14.06
N GLY B 69 -12.59 -12.08 14.05
CA GLY B 69 -12.09 -11.35 12.90
C GLY B 69 -11.13 -12.10 12.02
N CYS B 70 -10.92 -13.39 12.27
CA CYS B 70 -9.91 -14.12 11.53
C CYS B 70 -10.45 -14.63 10.22
N ALA B 71 -9.58 -14.67 9.21
CA ALA B 71 -9.95 -15.20 7.92
C ALA B 71 -10.28 -16.69 8.05
N GLY B 72 -11.17 -17.17 7.18
CA GLY B 72 -11.54 -18.56 7.16
C GLY B 72 -11.58 -19.05 5.74
N ILE B 73 -11.39 -20.37 5.59
CA ILE B 73 -11.52 -20.97 4.27
C ILE B 73 -12.28 -22.29 4.38
N TRP B 74 -13.28 -22.35 5.28
CA TRP B 74 -14.02 -23.57 5.53
C TRP B 74 -15.23 -23.76 4.59
N SER B 75 -15.38 -22.92 3.56
CA SER B 75 -16.40 -23.17 2.56
C SER B 75 -15.89 -22.67 1.22
N ASP B 76 -16.56 -23.12 0.15
CA ASP B 76 -16.16 -22.70 -1.19
C ASP B 76 -16.35 -21.21 -1.39
N ALA B 77 -17.34 -20.60 -0.72
CA ALA B 77 -17.54 -19.16 -0.79
C ALA B 77 -16.36 -18.41 -0.21
N HIS B 78 -15.82 -18.90 0.92
CA HIS B 78 -14.60 -18.33 1.52
C HIS B 78 -13.43 -18.44 0.57
N ALA B 79 -13.32 -19.57 -0.13
CA ALA B 79 -12.23 -19.77 -1.07
C ALA B 79 -12.31 -18.78 -2.22
N GLN B 80 -13.52 -18.55 -2.74
CA GLN B 80 -13.67 -17.66 -3.89
C GLN B 80 -13.28 -16.23 -3.55
N ALA B 81 -13.50 -15.79 -2.30
CA ALA B 81 -13.10 -14.45 -1.88
C ALA B 81 -11.58 -14.24 -1.97
N PHE B 82 -10.79 -15.32 -1.90
CA PHE B 82 -9.34 -15.21 -2.01
C PHE B 82 -8.86 -15.07 -3.46
N VAL B 83 -9.71 -15.43 -4.42
CA VAL B 83 -9.29 -15.41 -5.83
C VAL B 83 -8.72 -14.06 -6.26
N PRO B 84 -9.38 -12.92 -6.02
CA PRO B 84 -8.79 -11.64 -6.44
C PRO B 84 -7.57 -11.24 -5.64
N VAL B 85 -7.40 -11.76 -4.43
CA VAL B 85 -6.15 -11.53 -3.70
C VAL B 85 -4.99 -12.25 -4.38
N VAL B 86 -5.19 -13.52 -4.76
CA VAL B 86 -4.16 -14.26 -5.51
C VAL B 86 -3.77 -13.51 -6.79
N GLN B 87 -4.76 -13.15 -7.60
CA GLN B 87 -4.47 -12.49 -8.87
C GLN B 87 -3.68 -11.21 -8.64
N ALA B 88 -4.01 -10.45 -7.59
CA ALA B 88 -3.29 -9.21 -7.33
C ALA B 88 -1.87 -9.45 -6.85
N ILE B 89 -1.64 -10.52 -6.08
CA ILE B 89 -0.27 -10.84 -5.67
C ILE B 89 0.54 -11.27 -6.88
N LYS B 90 -0.03 -12.15 -7.72
CA LYS B 90 0.66 -12.55 -8.95
C LYS B 90 0.89 -11.36 -9.87
N ALA B 91 -0.11 -10.49 -10.04
CA ALA B 91 0.04 -9.35 -10.94
C ALA B 91 1.20 -8.44 -10.53
N ALA B 92 1.53 -8.42 -9.23
CA ALA B 92 2.65 -7.64 -8.73
C ALA B 92 3.99 -8.32 -8.91
N GLY B 93 4.03 -9.56 -9.40
CA GLY B 93 5.29 -10.28 -9.50
C GLY B 93 5.69 -11.09 -8.28
N SER B 94 4.88 -11.11 -7.24
CA SER B 94 5.13 -11.87 -6.03
C SER B 94 4.38 -13.20 -6.09
N VAL B 95 4.75 -14.13 -5.21
CA VAL B 95 4.17 -15.47 -5.18
C VAL B 95 3.14 -15.52 -4.06
N PRO B 96 1.88 -15.89 -4.35
CA PRO B 96 0.87 -15.96 -3.27
C PRO B 96 0.96 -17.28 -2.53
N GLY B 97 1.10 -17.20 -1.20
CA GLY B 97 1.00 -18.36 -0.35
C GLY B 97 -0.03 -18.10 0.73
N ILE B 98 -0.45 -19.17 1.41
CA ILE B 98 -1.46 -19.04 2.45
C ILE B 98 -1.13 -20.01 3.59
N GLN B 99 -1.42 -19.58 4.82
CA GLN B 99 -1.27 -20.41 6.00
C GLN B 99 -2.64 -20.87 6.46
N ILE B 100 -2.88 -22.18 6.47
CA ILE B 100 -4.13 -22.69 6.97
C ILE B 100 -3.92 -23.24 8.37
N ALA B 101 -4.90 -23.01 9.24
CA ALA B 101 -4.65 -23.04 10.67
C ALA B 101 -5.87 -23.57 11.38
N HIS B 102 -5.64 -24.03 12.60
CA HIS B 102 -6.70 -24.32 13.55
C HIS B 102 -6.15 -23.98 14.92
N ALA B 103 -6.78 -23.02 15.59
CA ALA B 103 -6.22 -22.45 16.80
C ALA B 103 -6.35 -23.36 18.02
N GLY B 104 -7.12 -24.43 17.95
CA GLY B 104 -7.23 -25.31 19.10
C GLY B 104 -7.69 -24.57 20.35
N ARG B 105 -6.95 -24.73 21.46
CA ARG B 105 -7.37 -24.21 22.75
C ARG B 105 -7.09 -22.71 22.92
N LYS B 106 -6.41 -22.08 21.96
CA LYS B 106 -6.19 -20.65 21.99
C LYS B 106 -7.22 -19.90 21.15
N ALA B 107 -8.25 -20.59 20.67
CA ALA B 107 -9.29 -20.01 19.84
C ALA B 107 -10.29 -19.25 20.70
N SER B 108 -11.39 -18.80 20.07
CA SER B 108 -12.48 -18.07 20.75
C SER B 108 -11.95 -16.89 21.57
N ALA B 109 -11.04 -16.12 20.99
CA ALA B 109 -10.42 -15.01 21.72
C ALA B 109 -10.78 -13.67 21.08
N ASN B 110 -10.69 -12.62 21.88
CA ASN B 110 -10.91 -11.28 21.38
C ASN B 110 -9.74 -10.83 20.51
N ARG B 111 -10.01 -9.83 19.67
CA ARG B 111 -8.96 -9.17 18.89
C ARG B 111 -7.92 -8.54 19.82
N PRO B 112 -6.65 -8.50 19.40
CA PRO B 112 -5.60 -8.01 20.32
C PRO B 112 -5.84 -6.60 20.84
N TRP B 113 -6.48 -5.72 20.06
CA TRP B 113 -6.75 -4.36 20.51
C TRP B 113 -8.13 -4.21 21.13
N GLU B 114 -8.75 -5.32 21.50
CA GLU B 114 -10.07 -5.30 22.12
C GLU B 114 -10.12 -6.31 23.26
N GLY B 115 -9.00 -6.46 23.97
CA GLY B 115 -8.91 -7.42 25.05
C GLY B 115 -7.80 -8.43 24.89
N ASP B 116 -7.62 -8.99 23.69
CA ASP B 116 -6.55 -9.95 23.40
C ASP B 116 -6.66 -11.20 24.28
N ASP B 117 -7.87 -11.55 24.72
CA ASP B 117 -8.06 -12.62 25.70
C ASP B 117 -9.25 -13.47 25.28
N HIS B 118 -9.52 -14.52 26.04
CA HIS B 118 -10.67 -15.37 25.75
C HIS B 118 -11.97 -14.60 25.92
N ILE B 119 -12.94 -14.93 25.08
CA ILE B 119 -14.28 -14.36 25.17
C ILE B 119 -15.03 -15.08 26.28
N GLY B 120 -15.69 -14.31 27.14
CA GLY B 120 -16.42 -14.87 28.27
C GLY B 120 -17.42 -15.95 27.89
N ASP B 123 -20.93 -13.90 26.48
CA ASP B 123 -20.76 -13.17 25.21
C ASP B 123 -21.20 -14.04 24.02
N ALA B 124 -22.18 -13.53 23.29
CA ALA B 124 -22.82 -14.25 22.19
C ALA B 124 -21.87 -14.55 21.05
N ARG B 125 -20.62 -14.13 21.17
CA ARG B 125 -19.65 -14.34 20.11
C ARG B 125 -18.71 -15.51 20.37
N GLY B 126 -18.78 -16.14 21.55
CA GLY B 126 -17.85 -17.19 21.90
C GLY B 126 -18.26 -18.54 21.34
N TRP B 127 -17.39 -19.52 21.55
CA TRP B 127 -17.61 -20.87 21.10
C TRP B 127 -16.70 -21.82 21.88
N GLU B 128 -17.15 -23.07 22.01
CA GLU B 128 -16.36 -24.10 22.65
C GLU B 128 -15.12 -24.40 21.81
N THR B 129 -13.98 -24.58 22.47
CA THR B 129 -12.74 -24.92 21.79
C THR B 129 -12.39 -26.40 21.98
N ILE B 130 -11.51 -26.88 21.11
CA ILE B 130 -11.08 -28.28 21.13
C ILE B 130 -9.56 -28.33 21.19
N ALA B 131 -9.03 -29.41 21.75
CA ALA B 131 -7.60 -29.61 21.88
C ALA B 131 -7.35 -31.08 22.19
N PRO B 132 -6.09 -31.54 22.14
CA PRO B 132 -5.81 -32.96 22.48
C PRO B 132 -6.38 -33.35 23.83
N SER B 133 -6.21 -32.49 24.84
CA SER B 133 -6.65 -32.76 26.19
C SER B 133 -7.35 -31.53 26.76
N ALA B 134 -8.19 -31.76 27.76
CA ALA B 134 -8.99 -30.70 28.39
C ALA B 134 -8.14 -30.01 29.46
N ILE B 135 -7.23 -29.16 28.99
CA ILE B 135 -6.32 -28.39 29.85
C ILE B 135 -6.25 -26.98 29.31
N ALA B 136 -6.55 -25.99 30.16
CA ALA B 136 -6.50 -24.61 29.70
C ALA B 136 -5.05 -24.18 29.47
N PHE B 137 -4.88 -23.25 28.53
CA PHE B 137 -3.57 -22.63 28.34
C PHE B 137 -3.13 -21.91 29.61
N GLY B 138 -4.07 -21.23 30.28
CA GLY B 138 -3.77 -20.42 31.44
C GLY B 138 -3.73 -18.95 31.08
N ALA B 139 -3.14 -18.17 31.97
CA ALA B 139 -2.93 -16.72 31.76
C ALA B 139 -4.25 -16.13 31.28
N HIS B 140 -4.27 -15.41 30.14
CA HIS B 140 -5.46 -14.76 29.62
C HIS B 140 -6.29 -15.65 28.69
N LEU B 141 -6.01 -16.96 28.68
CA LEU B 141 -6.82 -17.95 27.96
C LEU B 141 -7.19 -19.04 28.96
N PRO B 142 -8.04 -18.73 29.93
CA PRO B 142 -8.38 -19.69 30.99
C PRO B 142 -9.51 -20.66 30.63
N ASN B 143 -10.09 -20.57 29.44
CA ASN B 143 -11.17 -21.49 29.09
C ASN B 143 -10.63 -22.88 28.82
N VAL B 144 -11.26 -23.86 29.42
CA VAL B 144 -10.77 -25.24 29.30
C VAL B 144 -11.33 -25.84 28.00
N PRO B 145 -10.50 -26.35 27.11
CA PRO B 145 -11.03 -26.95 25.88
C PRO B 145 -11.61 -28.35 26.11
N ARG B 146 -12.45 -28.74 25.17
CA ARG B 146 -12.95 -30.11 25.07
C ARG B 146 -11.86 -31.00 24.48
N ALA B 147 -11.60 -32.12 25.13
CA ALA B 147 -10.66 -33.08 24.58
C ALA B 147 -11.27 -33.72 23.34
N MET B 148 -10.47 -33.86 22.29
CA MET B 148 -10.98 -34.33 21.01
C MET B 148 -11.19 -35.84 20.99
N THR B 149 -12.27 -36.27 20.34
CA THR B 149 -12.50 -37.68 20.09
C THR B 149 -11.73 -38.09 18.84
N LEU B 150 -11.76 -39.39 18.53
CA LEU B 150 -11.17 -39.84 17.28
C LEU B 150 -11.90 -39.28 16.07
N ASP B 151 -13.22 -39.11 16.16
CA ASP B 151 -13.95 -38.50 15.04
C ASP B 151 -13.60 -37.03 14.87
N ASP B 152 -13.39 -36.31 15.97
CA ASP B 152 -12.89 -34.93 15.86
C ASP B 152 -11.59 -34.88 15.08
N ILE B 153 -10.67 -35.80 15.41
CA ILE B 153 -9.37 -35.81 14.74
C ILE B 153 -9.54 -36.10 13.26
N ALA B 154 -10.39 -37.08 12.90
CA ALA B 154 -10.61 -37.36 11.48
C ALA B 154 -11.25 -36.17 10.78
N ARG B 155 -12.21 -35.52 11.44
CA ARG B 155 -12.88 -34.37 10.88
C ARG B 155 -11.89 -33.22 10.67
N VAL B 156 -11.06 -32.90 11.68
CA VAL B 156 -10.18 -31.74 11.50
C VAL B 156 -9.15 -32.02 10.41
N LYS B 157 -8.64 -33.26 10.33
CA LYS B 157 -7.74 -33.58 9.23
C LYS B 157 -8.41 -33.31 7.90
N GLN B 158 -9.67 -33.73 7.77
CA GLN B 158 -10.40 -33.51 6.53
C GLN B 158 -10.62 -32.02 6.26
N ASP B 159 -10.86 -31.22 7.31
CA ASP B 159 -10.88 -29.77 7.17
C ASP B 159 -9.58 -29.25 6.55
N PHE B 160 -8.44 -29.70 7.06
CA PHE B 160 -7.16 -29.28 6.47
C PHE B 160 -7.08 -29.67 5.00
N VAL B 161 -7.54 -30.88 4.66
CA VAL B 161 -7.52 -31.31 3.27
C VAL B 161 -8.42 -30.41 2.43
N ASP B 162 -9.63 -30.16 2.91
CA ASP B 162 -10.55 -29.27 2.19
C ASP B 162 -9.96 -27.88 2.05
N ALA B 163 -9.34 -27.36 3.11
CA ALA B 163 -8.70 -26.04 3.02
C ALA B 163 -7.58 -26.06 2.00
N ALA B 164 -6.74 -27.10 1.99
CA ALA B 164 -5.67 -27.17 0.99
C ALA B 164 -6.26 -27.21 -0.41
N ARG B 165 -7.30 -28.02 -0.60
CA ARG B 165 -7.90 -28.15 -1.92
C ARG B 165 -8.47 -26.81 -2.39
N ARG B 166 -9.27 -26.17 -1.55
CA ARG B 166 -9.78 -24.84 -1.88
C ARG B 166 -8.66 -23.86 -2.18
N ALA B 167 -7.60 -23.85 -1.35
CA ALA B 167 -6.45 -22.97 -1.59
C ALA B 167 -5.85 -23.21 -2.97
N ARG B 168 -5.67 -24.47 -3.33
CA ARG B 168 -5.16 -24.83 -4.65
C ARG B 168 -6.06 -24.24 -5.74
N ASP B 169 -7.37 -24.39 -5.58
CA ASP B 169 -8.27 -24.01 -6.65
C ASP B 169 -8.39 -22.49 -6.76
N ALA B 170 -8.14 -21.76 -5.67
CA ALA B 170 -8.08 -20.30 -5.70
C ALA B 170 -6.83 -19.77 -6.38
N GLY B 171 -5.81 -20.62 -6.59
CA GLY B 171 -4.61 -20.24 -7.30
C GLY B 171 -3.38 -20.02 -6.43
N PHE B 172 -3.44 -20.27 -5.14
CA PHE B 172 -2.23 -20.15 -4.34
C PHE B 172 -1.15 -21.11 -4.87
N GLU B 173 0.11 -20.66 -4.82
CA GLU B 173 1.24 -21.46 -5.31
C GLU B 173 2.16 -21.91 -4.19
N TRP B 174 1.70 -21.81 -2.95
CA TRP B 174 2.53 -22.03 -1.80
C TRP B 174 1.59 -22.19 -0.63
N ILE B 175 1.71 -23.28 0.13
CA ILE B 175 0.82 -23.48 1.27
C ILE B 175 1.67 -23.75 2.50
N GLU B 176 1.17 -23.32 3.65
CA GLU B 176 1.88 -23.46 4.91
C GLU B 176 0.90 -23.98 5.96
N LEU B 177 1.19 -25.13 6.55
CA LEU B 177 0.39 -25.66 7.64
C LEU B 177 0.83 -25.01 8.94
N HIS B 178 -0.12 -24.53 9.73
CA HIS B 178 0.20 -23.83 10.97
C HIS B 178 0.34 -24.82 12.12
N PHE B 179 1.54 -25.36 12.29
CA PHE B 179 1.85 -26.30 13.36
C PHE B 179 2.67 -25.65 14.48
N ALA B 180 2.52 -24.33 14.66
CA ALA B 180 3.34 -23.60 15.61
C ALA B 180 2.44 -22.83 16.58
N HIS B 181 3.09 -22.20 17.56
CA HIS B 181 2.52 -21.12 18.37
C HIS B 181 1.40 -21.61 19.30
N GLY B 182 1.45 -22.88 19.66
CA GLY B 182 0.50 -23.37 20.64
C GLY B 182 -0.88 -23.66 20.12
N TYR B 183 -1.06 -23.64 18.80
CA TYR B 183 -2.34 -23.96 18.22
C TYR B 183 -2.51 -25.48 18.11
N LEU B 184 -3.44 -25.97 17.29
CA LEU B 184 -3.83 -27.37 17.40
C LEU B 184 -2.65 -28.30 17.12
N GLY B 185 -2.02 -28.15 15.95
CA GLY B 185 -0.89 -29.02 15.64
C GLY B 185 0.18 -28.96 16.70
N GLN B 186 0.62 -27.75 17.08
CA GLN B 186 1.62 -27.62 18.15
C GLN B 186 1.15 -28.30 19.44
N SER B 187 -0.10 -28.10 19.82
CA SER B 187 -0.56 -28.67 21.09
C SER B 187 -0.57 -30.19 21.04
N PHE B 188 -0.72 -30.80 19.85
CA PHE B 188 -0.63 -32.25 19.79
C PHE B 188 0.78 -32.75 20.01
N PHE B 189 1.78 -31.99 19.57
CA PHE B 189 3.17 -32.45 19.68
C PHE B 189 3.73 -32.28 21.09
N SER B 190 3.29 -31.28 21.84
CA SER B 190 3.94 -30.95 23.10
C SER B 190 3.40 -31.80 24.24
N GLU B 191 4.31 -32.28 25.09
CA GLU B 191 3.88 -32.96 26.30
C GLU B 191 3.16 -32.03 27.27
N HIS B 192 3.43 -30.72 27.20
CA HIS B 192 2.73 -29.78 28.08
C HIS B 192 1.22 -29.84 27.89
N SER B 193 0.78 -30.02 26.64
CA SER B 193 -0.64 -29.90 26.32
C SER B 193 -1.30 -31.22 25.94
N ASN B 194 -0.53 -32.20 25.49
CA ASN B 194 -1.04 -33.48 25.05
C ASN B 194 -0.83 -34.51 26.15
N LYS B 195 -1.91 -34.85 26.86
CA LYS B 195 -1.89 -35.88 27.88
C LYS B 195 -2.72 -37.08 27.48
N ARG B 196 -3.00 -37.24 26.18
CA ARG B 196 -3.79 -38.37 25.72
C ARG B 196 -3.06 -39.69 26.00
N THR B 197 -3.82 -40.77 26.04
CA THR B 197 -3.24 -42.10 26.20
C THR B 197 -3.65 -43.06 25.08
N ASP B 198 -4.24 -42.54 24.01
CA ASP B 198 -4.59 -43.34 22.86
C ASP B 198 -3.46 -43.24 21.85
N ALA B 199 -3.74 -43.49 20.56
CA ALA B 199 -2.71 -43.51 19.53
C ALA B 199 -2.11 -42.13 19.23
N TYR B 200 -2.70 -41.05 19.77
CA TYR B 200 -2.32 -39.67 19.47
C TYR B 200 -1.66 -38.95 20.64
N GLY B 201 -1.27 -39.67 21.69
CA GLY B 201 -0.55 -39.08 22.80
C GLY B 201 0.37 -40.11 23.44
N GLY B 202 1.26 -39.61 24.30
CA GLY B 202 2.22 -40.43 25.02
C GLY B 202 3.61 -40.42 24.41
N SER B 203 3.84 -41.35 23.49
CA SER B 203 5.13 -41.50 22.85
C SER B 203 5.39 -40.38 21.84
N PHE B 204 6.65 -40.29 21.41
CA PHE B 204 7.01 -39.40 20.31
C PHE B 204 6.22 -39.76 19.05
N ASP B 205 6.12 -41.06 18.71
CA ASP B 205 5.37 -41.46 17.51
C ASP B 205 3.91 -41.05 17.60
N ASN B 206 3.31 -41.19 18.80
CA ASN B 206 1.90 -40.87 18.99
C ASN B 206 1.67 -39.36 18.96
N ARG B 207 2.56 -38.60 19.58
CA ARG B 207 2.41 -37.15 19.59
C ARG B 207 2.65 -36.55 18.21
N SER B 208 3.57 -37.13 17.45
CA SER B 208 3.80 -36.72 16.07
C SER B 208 2.68 -37.12 15.12
N ARG B 209 1.81 -38.05 15.54
CA ARG B 209 0.88 -38.69 14.61
C ARG B 209 -0.08 -37.66 13.98
N PHE B 210 -0.71 -36.83 14.80
CA PHE B 210 -1.66 -35.88 14.24
C PHE B 210 -1.00 -35.05 13.14
N LEU B 211 0.20 -34.54 13.41
CA LEU B 211 0.89 -33.67 12.45
C LEU B 211 1.30 -34.43 11.18
N LEU B 212 1.88 -35.63 11.34
CA LEU B 212 2.27 -36.44 10.18
C LEU B 212 1.08 -36.89 9.37
N GLU B 213 -0.02 -37.24 10.04
CA GLU B 213 -1.21 -37.63 9.28
C GLU B 213 -1.84 -36.45 8.57
N THR B 214 -1.90 -35.28 9.22
CA THR B 214 -2.45 -34.10 8.55
C THR B 214 -1.58 -33.75 7.33
N LEU B 215 -0.27 -33.75 7.51
CA LEU B 215 0.63 -33.52 6.37
C LEU B 215 0.39 -34.53 5.24
N ALA B 216 0.26 -35.82 5.58
CA ALA B 216 0.09 -36.82 4.53
C ALA B 216 -1.22 -36.63 3.77
N ALA B 217 -2.31 -36.30 4.48
CA ALA B 217 -3.58 -36.05 3.82
C ALA B 217 -3.52 -34.83 2.90
N VAL B 218 -2.87 -33.75 3.33
CA VAL B 218 -2.71 -32.57 2.50
C VAL B 218 -1.83 -32.86 1.28
N ARG B 219 -0.71 -33.55 1.49
CA ARG B 219 0.15 -34.00 0.40
C ARG B 219 -0.66 -34.61 -0.76
N GLU B 220 -1.79 -35.26 -0.46
CA GLU B 220 -2.52 -35.94 -1.52
C GLU B 220 -3.27 -34.98 -2.42
N VAL B 221 -3.74 -33.85 -1.92
CA VAL B 221 -4.44 -32.91 -2.76
C VAL B 221 -3.54 -31.74 -3.19
N TRP B 222 -2.44 -31.50 -2.49
CA TRP B 222 -1.61 -30.36 -2.84
C TRP B 222 -0.69 -30.74 -4.00
N PRO B 223 -0.62 -29.95 -5.08
CA PRO B 223 0.16 -30.37 -6.25
C PRO B 223 1.62 -30.56 -5.90
N GLU B 224 2.23 -31.59 -6.51
CA GLU B 224 3.61 -31.90 -6.20
C GLU B 224 4.57 -30.82 -6.69
N ASN B 225 4.17 -30.03 -7.68
CA ASN B 225 5.01 -29.00 -8.26
C ASN B 225 4.92 -27.66 -7.53
N LEU B 226 4.13 -27.58 -6.45
CA LEU B 226 3.99 -26.36 -5.64
C LEU B 226 4.50 -26.62 -4.22
N PRO B 227 5.31 -25.73 -3.66
CA PRO B 227 5.85 -25.96 -2.31
C PRO B 227 4.79 -26.21 -1.25
N LEU B 228 5.00 -27.27 -0.47
CA LEU B 228 4.22 -27.61 0.71
C LEU B 228 5.12 -27.37 1.91
N THR B 229 4.76 -26.42 2.75
CA THR B 229 5.62 -26.02 3.84
C THR B 229 4.82 -26.08 5.13
N ALA B 230 5.52 -25.85 6.23
CA ALA B 230 4.87 -25.82 7.52
C ALA B 230 5.63 -24.84 8.40
N ARG B 231 4.91 -24.25 9.33
CA ARG B 231 5.47 -23.46 10.41
C ARG B 231 5.35 -24.28 11.68
N PHE B 232 6.45 -24.42 12.41
CA PHE B 232 6.53 -25.42 13.47
C PHE B 232 7.40 -24.85 14.59
N GLY B 233 6.89 -24.91 15.83
CA GLY B 233 7.61 -24.47 17.01
C GLY B 233 8.54 -25.56 17.50
N VAL B 234 9.86 -25.32 17.43
CA VAL B 234 10.86 -26.36 17.68
C VAL B 234 11.41 -26.34 19.09
N LEU B 235 11.13 -25.30 19.86
CA LEU B 235 11.48 -25.27 21.27
C LEU B 235 10.55 -24.27 21.94
N GLU B 236 10.41 -24.42 23.25
CA GLU B 236 9.52 -23.60 24.05
C GLU B 236 10.23 -22.57 24.94
N TYR B 237 11.54 -22.71 25.16
CA TYR B 237 12.24 -21.99 26.23
C TYR B 237 11.57 -22.27 27.58
N ASP B 238 11.36 -23.55 27.85
CA ASP B 238 10.70 -24.04 29.05
C ASP B 238 11.64 -24.89 29.89
N GLY B 239 12.95 -24.67 29.76
CA GLY B 239 13.90 -25.50 30.48
C GLY B 239 14.06 -26.90 29.93
N ARG B 240 13.51 -27.22 28.76
CA ARG B 240 13.65 -28.53 28.11
C ARG B 240 14.10 -28.38 26.67
N ASP B 241 14.94 -27.38 26.38
CA ASP B 241 15.16 -26.96 25.00
C ASP B 241 16.00 -27.96 24.22
N GLU B 242 17.06 -28.50 24.83
CA GLU B 242 17.88 -29.47 24.10
C GLU B 242 17.09 -30.73 23.80
N GLN B 243 16.30 -31.20 24.76
CA GLN B 243 15.46 -32.36 24.52
C GLN B 243 14.36 -32.04 23.50
N THR B 244 13.67 -30.91 23.70
CA THR B 244 12.62 -30.56 22.76
C THR B 244 13.17 -30.29 21.37
N LEU B 245 14.29 -29.59 21.28
CA LEU B 245 14.89 -29.33 19.97
C LEU B 245 15.22 -30.62 19.21
N GLU B 246 15.73 -31.64 19.93
CA GLU B 246 16.10 -32.92 19.31
C GLU B 246 14.88 -33.67 18.77
N GLU B 247 13.81 -33.75 19.56
CA GLU B 247 12.56 -34.33 19.08
C GLU B 247 12.01 -33.56 17.88
N SER B 248 12.01 -32.23 17.96
CA SER B 248 11.48 -31.40 16.88
C SER B 248 12.24 -31.61 15.58
N ILE B 249 13.57 -31.72 15.66
CA ILE B 249 14.36 -31.95 14.45
C ILE B 249 14.07 -33.33 13.88
N GLU B 250 13.86 -34.33 14.73
CA GLU B 250 13.50 -35.66 14.24
C GLU B 250 12.16 -35.62 13.52
N LEU B 251 11.18 -34.91 14.08
CA LEU B 251 9.91 -34.73 13.41
C LEU B 251 10.09 -34.03 12.06
N ALA B 252 10.94 -32.99 12.04
CA ALA B 252 11.24 -32.33 10.77
C ALA B 252 11.77 -33.32 9.74
N ARG B 253 12.62 -34.26 10.18
CA ARG B 253 13.08 -35.31 9.27
C ARG B 253 11.92 -36.14 8.75
N ARG B 254 10.93 -36.44 9.59
CA ARG B 254 9.77 -37.15 9.11
C ARG B 254 8.88 -36.25 8.25
N PHE B 255 8.81 -34.94 8.54
CA PHE B 255 8.15 -34.04 7.59
C PHE B 255 8.79 -34.15 6.23
N LYS B 256 10.12 -34.09 6.19
CA LYS B 256 10.82 -34.13 4.92
C LYS B 256 10.56 -35.45 4.18
N ALA B 257 10.62 -36.58 4.89
CA ALA B 257 10.31 -37.86 4.24
C ALA B 257 8.88 -37.87 3.72
N GLY B 258 8.00 -37.10 4.36
CA GLY B 258 6.60 -36.99 3.98
C GLY B 258 6.30 -35.92 2.97
N GLY B 259 7.33 -35.34 2.35
CA GLY B 259 7.11 -34.41 1.28
C GLY B 259 7.12 -32.94 1.64
N LEU B 260 7.47 -32.56 2.87
CA LEU B 260 7.58 -31.14 3.20
C LEU B 260 8.73 -30.51 2.43
N ASP B 261 8.50 -29.33 1.85
CA ASP B 261 9.53 -28.72 1.04
C ASP B 261 10.36 -27.67 1.78
N LEU B 262 9.79 -27.04 2.81
CA LEU B 262 10.46 -26.00 3.57
C LEU B 262 9.79 -25.90 4.91
N LEU B 263 10.55 -25.50 5.90
CA LEU B 263 10.07 -25.38 7.28
C LEU B 263 10.27 -23.95 7.76
N SER B 264 9.18 -23.31 8.22
CA SER B 264 9.25 -22.00 8.86
C SER B 264 9.47 -22.26 10.35
N VAL B 265 10.65 -21.90 10.84
CA VAL B 265 11.11 -22.32 12.16
C VAL B 265 10.65 -21.29 13.18
N SER B 266 9.90 -21.73 14.20
CA SER B 266 9.36 -20.79 15.17
C SER B 266 9.53 -21.36 16.58
N VAL B 267 8.92 -20.67 17.52
CA VAL B 267 8.84 -21.05 18.92
C VAL B 267 7.45 -21.64 19.17
N GLY B 268 7.37 -22.52 20.16
CA GLY B 268 6.14 -23.27 20.35
C GLY B 268 4.99 -22.44 20.90
N PHE B 269 5.25 -21.61 21.92
CA PHE B 269 4.21 -20.86 22.67
C PHE B 269 3.08 -21.77 23.18
N THR B 270 3.43 -22.99 23.58
CA THR B 270 2.41 -23.94 24.00
C THR B 270 1.83 -23.62 25.37
N ILE B 271 2.64 -23.05 26.26
CA ILE B 271 2.25 -22.66 27.62
C ILE B 271 2.78 -21.25 27.89
N PRO B 272 2.30 -20.57 28.93
CA PRO B 272 2.81 -19.22 29.21
C PRO B 272 4.06 -19.17 30.11
N GLU B 273 4.39 -20.25 30.81
CA GLU B 273 5.54 -20.31 31.72
C GLU B 273 6.84 -20.50 30.93
N THR B 274 7.36 -19.40 30.40
CA THR B 274 8.51 -19.44 29.52
C THR B 274 9.40 -18.22 29.72
N ASN B 275 10.61 -18.29 29.15
CA ASN B 275 11.58 -17.21 29.20
C ASN B 275 12.19 -17.06 27.80
N ILE B 276 11.43 -16.48 26.89
CA ILE B 276 11.88 -16.36 25.51
C ILE B 276 12.93 -15.24 25.42
N PRO B 277 14.12 -15.52 24.88
CA PRO B 277 15.17 -14.48 24.79
C PRO B 277 15.02 -13.64 23.53
N TRP B 278 13.96 -12.85 23.48
CA TRP B 278 13.69 -11.98 22.34
C TRP B 278 14.92 -11.13 22.01
N GLY B 279 15.16 -10.96 20.73
CA GLY B 279 16.20 -10.09 20.27
C GLY B 279 16.18 -10.08 18.77
N PRO B 280 16.86 -9.10 18.16
CA PRO B 280 16.89 -9.02 16.69
C PRO B 280 17.50 -10.27 16.07
N ALA B 281 16.72 -10.95 15.25
CA ALA B 281 17.21 -12.17 14.57
C ALA B 281 17.59 -13.27 15.56
N PHE B 282 16.98 -13.29 16.74
CA PHE B 282 17.41 -14.26 17.75
C PHE B 282 17.14 -15.69 17.33
N MET B 283 16.21 -15.91 16.40
CA MET B 283 15.92 -17.24 15.89
C MET B 283 16.95 -17.75 14.90
N GLY B 284 17.83 -16.88 14.41
CA GLY B 284 18.82 -17.24 13.43
C GLY B 284 19.55 -18.54 13.72
N PRO B 285 20.14 -18.68 14.92
CA PRO B 285 20.91 -19.90 15.22
C PRO B 285 20.07 -21.15 15.41
N ILE B 286 18.81 -21.02 15.84
CA ILE B 286 17.92 -22.18 15.90
C ILE B 286 17.60 -22.67 14.50
N ALA B 287 17.28 -21.74 13.60
CA ALA B 287 16.91 -22.12 12.24
C ALA B 287 18.07 -22.76 11.52
N GLU B 288 19.28 -22.26 11.74
CA GLU B 288 20.45 -22.85 11.09
C GLU B 288 20.64 -24.31 11.52
N ARG B 289 20.48 -24.59 12.81
CA ARG B 289 20.65 -25.95 13.27
C ARG B 289 19.60 -26.87 12.65
N VAL B 290 18.35 -26.39 12.59
CA VAL B 290 17.28 -27.16 11.97
C VAL B 290 17.59 -27.40 10.49
N ARG B 291 17.99 -26.35 9.79
CA ARG B 291 18.32 -26.50 8.38
C ARG B 291 19.39 -27.56 8.17
N ARG B 292 20.44 -27.54 8.99
CA ARG B 292 21.60 -28.39 8.82
C ARG B 292 21.34 -29.82 9.28
N GLU B 293 20.62 -29.99 10.37
CA GLU B 293 20.41 -31.32 10.93
C GLU B 293 19.26 -32.05 10.23
N ALA B 294 18.18 -31.35 9.89
CA ALA B 294 17.12 -32.01 9.14
C ALA B 294 17.30 -31.88 7.62
N LYS B 295 18.27 -31.10 7.15
CA LYS B 295 18.54 -31.01 5.72
C LYS B 295 17.29 -30.56 4.96
N LEU B 296 16.62 -29.56 5.51
CA LEU B 296 15.44 -28.93 4.99
C LEU B 296 15.73 -27.44 4.82
N PRO B 297 15.30 -26.83 3.71
CA PRO B 297 15.32 -25.36 3.65
C PRO B 297 14.44 -24.79 4.75
N VAL B 298 14.80 -23.60 5.22
CA VAL B 298 14.04 -22.96 6.30
C VAL B 298 13.86 -21.47 6.05
N THR B 299 12.86 -20.92 6.72
CA THR B 299 12.78 -19.49 6.95
C THR B 299 12.57 -19.28 8.43
N SER B 300 12.70 -18.03 8.85
CA SER B 300 12.38 -17.68 10.22
C SER B 300 12.12 -16.19 10.26
N ALA B 301 11.79 -15.72 11.46
CA ALA B 301 11.29 -14.37 11.64
C ALA B 301 11.64 -13.86 13.02
N TRP B 302 11.35 -12.58 13.23
CA TRP B 302 11.55 -11.79 14.43
C TRP B 302 12.79 -10.92 14.30
N GLY B 303 12.59 -9.66 13.91
CA GLY B 303 13.66 -8.67 13.91
C GLY B 303 14.51 -8.60 12.67
N PHE B 304 14.09 -9.20 11.54
CA PHE B 304 14.89 -9.10 10.32
C PHE B 304 14.53 -7.87 9.49
N GLY B 305 13.75 -6.93 10.03
CA GLY B 305 13.46 -5.68 9.37
C GLY B 305 14.64 -4.76 9.18
N THR B 306 15.75 -5.00 9.86
CA THR B 306 17.01 -4.33 9.57
C THR B 306 17.69 -5.02 8.38
N PRO B 307 17.80 -4.35 7.23
CA PRO B 307 18.31 -5.05 6.03
C PRO B 307 19.62 -5.76 6.25
N GLN B 308 20.56 -5.17 7.00
CA GLN B 308 21.84 -5.83 7.20
C GLN B 308 21.69 -7.14 7.94
N LEU B 309 20.72 -7.23 8.86
CA LEU B 309 20.46 -8.48 9.56
C LEU B 309 19.94 -9.57 8.62
N ALA B 310 19.03 -9.20 7.73
CA ALA B 310 18.53 -10.16 6.75
C ALA B 310 19.65 -10.65 5.84
N GLU B 311 20.46 -9.73 5.31
CA GLU B 311 21.61 -10.12 4.49
C GLU B 311 22.54 -11.05 5.25
N ALA B 312 22.87 -10.70 6.49
CA ALA B 312 23.82 -11.52 7.25
C ALA B 312 23.28 -12.92 7.49
N ALA B 313 21.96 -13.04 7.72
CA ALA B 313 21.39 -14.37 7.96
C ALA B 313 21.49 -15.25 6.72
N LEU B 314 21.28 -14.67 5.53
CA LEU B 314 21.38 -15.47 4.32
C LEU B 314 22.82 -15.85 4.03
N GLN B 315 23.76 -14.89 4.12
CA GLN B 315 25.16 -15.21 3.80
C GLN B 315 25.73 -16.27 4.74
N ALA B 316 25.26 -16.32 5.98
CA ALA B 316 25.67 -17.36 6.91
C ALA B 316 24.91 -18.67 6.70
N ASN B 317 24.01 -18.73 5.71
CA ASN B 317 23.24 -19.94 5.43
C ASN B 317 22.48 -20.42 6.66
N GLN B 318 22.03 -19.46 7.47
CA GLN B 318 21.10 -19.79 8.54
C GLN B 318 19.68 -19.90 8.02
N LEU B 319 19.40 -19.30 6.86
CA LEU B 319 18.06 -19.21 6.30
C LEU B 319 18.15 -19.36 4.79
N ASP B 320 17.08 -19.86 4.20
CA ASP B 320 16.92 -19.79 2.75
C ASP B 320 16.06 -18.60 2.34
N LEU B 321 15.08 -18.23 3.17
CA LEU B 321 14.28 -17.03 3.00
C LEU B 321 14.23 -16.29 4.33
N VAL B 322 14.19 -14.96 4.25
CA VAL B 322 14.03 -14.12 5.43
C VAL B 322 12.60 -13.62 5.48
N SER B 323 11.91 -13.86 6.58
CA SER B 323 10.55 -13.37 6.75
C SER B 323 10.56 -12.04 7.50
N VAL B 324 9.96 -11.02 6.88
CA VAL B 324 9.90 -9.66 7.41
C VAL B 324 8.42 -9.30 7.58
N GLY B 325 7.95 -9.25 8.82
CA GLY B 325 6.54 -9.00 9.10
C GLY B 325 6.17 -7.57 9.46
N ARG B 326 6.43 -7.16 10.71
CA ARG B 326 5.98 -5.85 11.18
C ARG B 326 6.55 -4.73 10.32
N ALA B 327 7.77 -4.91 9.76
CA ALA B 327 8.34 -3.85 8.92
C ALA B 327 7.53 -3.63 7.65
N HIS B 328 6.86 -4.67 7.12
CA HIS B 328 5.97 -4.48 5.96
C HIS B 328 4.61 -3.90 6.36
N LEU B 329 4.21 -4.04 7.62
CA LEU B 329 3.08 -3.27 8.12
C LEU B 329 3.45 -1.79 8.25
N ALA B 330 4.64 -1.49 8.78
CA ALA B 330 5.09 -0.10 8.83
C ALA B 330 5.29 0.46 7.43
N ASP B 331 5.89 -0.32 6.54
CA ASP B 331 6.20 0.14 5.19
C ASP B 331 5.90 -0.96 4.18
N PRO B 332 4.77 -0.86 3.46
CA PRO B 332 4.43 -1.88 2.48
C PRO B 332 5.49 -2.11 1.44
N HIS B 333 6.33 -1.11 1.16
CA HIS B 333 7.40 -1.22 0.18
C HIS B 333 8.76 -1.48 0.82
N TRP B 334 8.78 -2.20 1.95
CA TRP B 334 10.03 -2.43 2.64
C TRP B 334 11.08 -3.08 1.76
N ALA B 335 10.69 -3.92 0.81
CA ALA B 335 11.68 -4.53 -0.06
C ALA B 335 12.50 -3.46 -0.80
N TYR B 336 11.84 -2.42 -1.30
CA TYR B 336 12.52 -1.30 -1.96
C TYR B 336 13.47 -0.57 -1.01
N PHE B 337 13.01 -0.29 0.21
CA PHE B 337 13.89 0.27 1.22
C PHE B 337 15.12 -0.60 1.44
N ALA B 338 14.94 -1.93 1.51
CA ALA B 338 16.07 -2.81 1.79
C ALA B 338 17.05 -2.86 0.62
N ALA B 339 16.55 -2.88 -0.61
CA ALA B 339 17.45 -2.88 -1.76
C ALA B 339 18.27 -1.61 -1.76
N LYS B 340 17.62 -0.48 -1.50
CA LYS B 340 18.33 0.79 -1.39
C LYS B 340 19.31 0.77 -0.22
N GLU B 341 18.88 0.28 0.95
CA GLU B 341 19.74 0.24 2.12
C GLU B 341 20.97 -0.63 1.90
N LEU B 342 20.85 -1.69 1.10
CA LEU B 342 21.95 -2.62 0.83
C LEU B 342 22.72 -2.26 -0.44
N GLY B 343 22.47 -1.08 -1.01
CA GLY B 343 23.24 -0.67 -2.18
C GLY B 343 23.04 -1.54 -3.39
N VAL B 344 21.88 -2.19 -3.52
CA VAL B 344 21.59 -3.00 -4.69
C VAL B 344 21.47 -2.12 -5.92
N GLU B 345 22.04 -2.58 -7.03
CA GLU B 345 22.01 -1.81 -8.27
C GLU B 345 20.59 -1.73 -8.82
N LYS B 346 20.22 -0.52 -9.27
CA LYS B 346 18.86 -0.24 -9.74
C LYS B 346 17.84 -0.62 -8.66
N ALA B 347 18.13 -0.19 -7.44
CA ALA B 347 17.32 -0.54 -6.28
C ALA B 347 15.85 -0.17 -6.48
N SER B 348 15.59 0.94 -7.20
CA SER B 348 14.21 1.39 -7.37
C SER B 348 13.39 0.43 -8.24
N TRP B 349 14.04 -0.40 -9.05
CA TRP B 349 13.33 -1.34 -9.91
C TRP B 349 12.94 -2.63 -9.19
N THR B 350 12.98 -2.55 -7.85
CA THR B 350 12.32 -3.52 -7.00
C THR B 350 10.80 -3.30 -7.01
N LEU B 351 10.38 -2.05 -7.27
CA LEU B 351 9.02 -1.55 -7.42
C LEU B 351 8.59 -1.57 -8.88
N PRO B 352 7.29 -1.51 -9.15
CA PRO B 352 6.82 -1.37 -10.53
C PRO B 352 7.21 -0.02 -11.12
N ALA B 353 7.22 0.02 -12.45
CA ALA B 353 7.67 1.18 -13.22
C ALA B 353 7.02 2.51 -12.79
N PRO B 354 5.73 2.59 -12.48
CA PRO B 354 5.15 3.88 -12.07
C PRO B 354 5.80 4.49 -10.82
N TYR B 355 6.44 3.67 -9.96
CA TYR B 355 7.26 4.15 -8.84
C TYR B 355 8.75 4.18 -9.18
N ALA B 356 9.27 3.13 -9.81
CA ALA B 356 10.71 2.97 -9.96
C ALA B 356 11.32 4.10 -10.77
N HIS B 357 10.66 4.50 -11.87
CA HIS B 357 11.23 5.52 -12.75
C HIS B 357 11.56 6.80 -12.00
N TRP B 358 10.74 7.17 -11.01
CA TRP B 358 10.86 8.43 -10.31
C TRP B 358 11.71 8.34 -9.04
N LEU B 359 12.08 7.14 -8.60
CA LEU B 359 12.87 7.00 -7.39
C LEU B 359 14.33 6.65 -7.65
N GLU B 360 14.77 6.58 -8.90
CA GLU B 360 16.20 6.41 -9.19
C GLU B 360 16.93 7.75 -9.13
#